data_5J5V
#
_entry.id   5J5V
#
_cell.length_a   81.251
_cell.length_b   195.539
_cell.length_c   175.061
_cell.angle_alpha   90.00
_cell.angle_beta   90.00
_cell.angle_gamma   90.00
#
_symmetry.space_group_name_H-M   'C 2 2 21'
#
loop_
_entity.id
_entity.type
_entity.pdbx_description
1 polymer 'Cysteine synthase A'
2 polymer 'tRNA nuclease CdiA'
3 polymer 'Immunity protein CdiI'
4 water water
#
loop_
_entity_poly.entity_id
_entity_poly.type
_entity_poly.pdbx_seq_one_letter_code
_entity_poly.pdbx_strand_id
1 'polypeptide(L)'
;MGKIFEDNSLTIGHTPLVRLNRIGNGRILAKVESRNPSFSV(LLP)CRIGANMIWDAEKRGVLKPGVELVEPTSGNTGIA
LAYVAAARGYKLTLTMPETMSIERRKLLKALGANLVLTEGAKGMKGAIQKAEEIVASNPEKYLLLQQFSNPANPEIHEKT
TGPEIWEDTDGQVDVFIAGVGTGGTLTGVSRYIKGTKGKTDLISVAVEPTDSPVIAQALAGEEIKPGPHKIQGIGAGFIP
ANLDLKLVDKVIGITNEEAISTARRLMEEEGILAGISSGAAVAAALKLQEDESFTNKNIVVILPSSGERYLSTALFADLF
TEKELQQ
;
A,D
2 'polypeptide(L)'
;(MSE)VENNALSLVARGCAVAAPCRTKVAEQLLEIGAKAG(MSE)AGLAGAAVKD(MSE)ADR(MSE)TSDELEHLITLQ
(MSE)(MSE)GNDEITTKYLSSLHDKYGSGAASNPNIGKDLTDAEKVELGGSGSGTGTPPPSENDPKQQNEKTVDKLNQK
QESAIKKIDNTIKNALKDHDIIGTLKD(MSE)DGKPVPKENGGYWDH(MSE)QE(MSE)QNTLRGLRNHADTLKNVNNPE
AQAAYGRATDAINKIESALKGYGI
;
B,E
3 'polypeptide(L)'
;(MSE)ITLRKLIGNIN(MSE)TKEPEQQSPLELWFERIIDVPLEKLTVEDLCRAIRQNLCIDQL(MSE)PRVLEVLTKEP
LAGEYYDGELIAALSTIKGEDLKDQKSTFTQIRQLINQLEPSDINDDLRKDILKINQIIVTSLEHHHHHH
;
C,F
#
# COMPACT_ATOMS: atom_id res chain seq x y z
N GLY A 2 -3.16 -14.01 -31.28
CA GLY A 2 -3.56 -13.59 -29.96
C GLY A 2 -3.22 -12.13 -29.71
N LYS A 3 -3.23 -11.72 -28.44
CA LYS A 3 -2.89 -10.34 -28.07
C LYS A 3 -1.66 -10.36 -27.18
N ILE A 4 -0.58 -9.78 -27.68
CA ILE A 4 0.63 -9.53 -26.92
C ILE A 4 0.85 -8.03 -26.92
N PHE A 5 0.82 -7.41 -25.75
CA PHE A 5 0.95 -5.97 -25.69
C PHE A 5 2.43 -5.60 -25.80
N GLU A 6 2.70 -4.51 -26.50
CA GLU A 6 4.08 -4.12 -26.78
C GLU A 6 4.71 -3.32 -25.64
N ASP A 7 3.90 -2.68 -24.80
CA ASP A 7 4.36 -2.19 -23.51
C ASP A 7 3.14 -2.04 -22.62
N ASN A 8 3.39 -1.69 -21.37
CA ASN A 8 2.33 -1.68 -20.36
C ASN A 8 1.31 -0.59 -20.60
N SER A 9 1.65 0.48 -21.31
CA SER A 9 0.66 1.53 -21.50
C SER A 9 -0.48 1.08 -22.39
N LEU A 10 -0.26 0.05 -23.20
CA LEU A 10 -1.25 -0.41 -24.14
C LEU A 10 -2.25 -1.36 -23.51
N THR A 11 -2.09 -1.65 -22.22
CA THR A 11 -2.99 -2.55 -21.52
C THR A 11 -4.17 -1.85 -20.87
N ILE A 12 -4.34 -0.54 -21.08
CA ILE A 12 -5.37 0.20 -20.39
C ILE A 12 -6.76 -0.24 -20.81
N GLY A 13 -7.71 -0.13 -19.88
CA GLY A 13 -9.10 -0.24 -20.20
C GLY A 13 -9.63 -1.65 -20.10
N HIS A 14 -10.80 -1.84 -20.71
CA HIS A 14 -11.56 -3.08 -20.67
C HIS A 14 -11.78 -3.51 -19.23
N THR A 15 -12.05 -2.53 -18.38
CA THR A 15 -12.31 -2.75 -16.98
C THR A 15 -13.71 -3.31 -16.75
N PRO A 16 -13.89 -4.14 -15.74
CA PRO A 16 -15.15 -4.85 -15.57
C PRO A 16 -16.29 -3.95 -15.11
N LEU A 17 -17.50 -4.36 -15.47
CA LEU A 17 -18.73 -3.73 -14.99
C LEU A 17 -19.40 -4.76 -14.09
N VAL A 18 -19.48 -4.46 -12.80
CA VAL A 18 -19.90 -5.40 -11.78
C VAL A 18 -21.21 -4.89 -11.18
N ARG A 19 -22.19 -5.79 -11.03
CA ARG A 19 -23.46 -5.42 -10.43
C ARG A 19 -23.33 -5.39 -8.91
N LEU A 20 -23.85 -4.33 -8.30
CA LEU A 20 -23.87 -4.22 -6.85
C LEU A 20 -25.11 -4.93 -6.34
N ASN A 21 -24.89 -5.95 -5.52
CA ASN A 21 -25.94 -6.82 -5.06
C ASN A 21 -26.50 -6.44 -3.69
N ARG A 22 -25.65 -6.06 -2.75
CA ARG A 22 -26.10 -5.70 -1.40
C ARG A 22 -26.24 -4.20 -1.21
N ILE A 23 -25.76 -3.41 -2.16
CA ILE A 23 -25.83 -1.95 -2.10
C ILE A 23 -26.80 -1.49 -3.17
N GLY A 24 -27.88 -0.85 -2.77
CA GLY A 24 -28.89 -0.48 -3.75
C GLY A 24 -29.85 -1.61 -4.05
N ASN A 25 -30.59 -1.43 -5.15
CA ASN A 25 -31.67 -2.34 -5.53
C ASN A 25 -31.25 -3.39 -6.54
N GLY A 26 -29.98 -3.45 -6.92
CA GLY A 26 -29.50 -4.38 -7.93
C GLY A 26 -29.30 -3.79 -9.30
N ARG A 27 -29.51 -2.49 -9.45
CA ARG A 27 -29.40 -1.84 -10.75
C ARG A 27 -28.22 -0.90 -10.82
N ILE A 28 -27.40 -0.84 -9.79
CA ILE A 28 -26.17 -0.07 -9.83
C ILE A 28 -25.06 -0.93 -10.41
N LEU A 29 -24.45 -0.45 -11.47
CA LEU A 29 -23.37 -1.13 -12.14
C LEU A 29 -22.10 -0.34 -11.89
N ALA A 30 -21.12 -0.98 -11.28
CA ALA A 30 -19.86 -0.33 -10.92
C ALA A 30 -18.78 -0.73 -11.92
N LYS A 31 -18.17 0.26 -12.56
CA LYS A 31 -17.03 0.06 -13.45
C LYS A 31 -15.74 0.25 -12.64
N VAL A 32 -14.97 -0.83 -12.47
CA VAL A 32 -13.87 -0.88 -11.50
C VAL A 32 -12.59 -0.46 -12.21
N GLU A 33 -12.24 0.81 -12.09
CA GLU A 33 -11.12 1.32 -12.86
C GLU A 33 -9.80 1.13 -12.15
N SER A 34 -9.77 0.44 -11.02
CA SER A 34 -8.51 0.04 -10.46
C SER A 34 -7.95 -1.18 -11.16
N ARG A 35 -8.69 -1.75 -12.10
CA ARG A 35 -8.22 -2.86 -12.93
C ARG A 35 -7.54 -2.28 -14.16
N ASN A 36 -6.37 -1.71 -13.91
CA ASN A 36 -5.66 -0.86 -14.86
C ASN A 36 -4.18 -0.99 -14.56
N PRO A 37 -3.32 -0.68 -15.53
CA PRO A 37 -1.87 -0.92 -15.32
C PRO A 37 -1.29 -0.26 -14.08
N SER A 38 -1.72 0.94 -13.69
CA SER A 38 -1.28 1.50 -12.41
C SER A 38 -2.45 1.67 -11.44
N PHE A 39 -3.56 1.02 -11.72
CA PHE A 39 -4.58 0.70 -10.72
C PHE A 39 -5.42 1.92 -10.36
N SER A 40 -5.62 2.81 -11.32
CA SER A 40 -6.59 3.87 -11.18
C SER A 40 -7.06 4.23 -12.57
N VAL A 41 -8.15 4.98 -12.61
CA VAL A 41 -8.72 5.46 -13.85
C VAL A 41 -7.74 6.36 -14.62
N1 LLP A 42 -11.13 9.78 -8.19
C2 LLP A 42 -9.85 9.60 -8.21
C2' LLP A 42 -9.20 8.70 -7.17
C3 LLP A 42 -9.06 10.23 -9.19
O3 LLP A 42 -7.63 10.01 -9.18
C4 LLP A 42 -9.69 11.05 -10.13
C4' LLP A 42 -8.92 11.82 -11.26
C5 LLP A 42 -11.07 11.22 -10.09
C6 LLP A 42 -11.77 10.55 -9.08
C5' LLP A 42 -11.80 12.09 -11.08
OP4 LLP A 42 -11.63 11.66 -12.44
P LLP A 42 -11.68 12.78 -13.65
OP1 LLP A 42 -11.82 12.08 -14.93
OP2 LLP A 42 -12.80 13.69 -13.40
OP3 LLP A 42 -10.47 13.60 -13.73
N LLP A 42 -6.79 6.96 -13.91
CA LLP A 42 -5.91 7.93 -14.55
CB LLP A 42 -5.08 8.70 -13.52
CG LLP A 42 -5.94 9.65 -12.67
CD LLP A 42 -6.81 10.55 -13.55
CE LLP A 42 -7.13 11.81 -12.80
NZ LLP A 42 -7.52 11.38 -11.48
C LLP A 42 -4.94 7.22 -15.44
O LLP A 42 -4.27 7.86 -16.15
N CYS A 43 -4.87 5.91 -15.36
CA CYS A 43 -3.99 5.14 -16.22
C CYS A 43 -4.31 5.42 -17.66
N ARG A 44 -5.60 5.61 -17.92
CA ARG A 44 -6.04 5.89 -19.28
C ARG A 44 -5.48 7.22 -19.76
N ILE A 45 -5.52 8.25 -18.93
CA ILE A 45 -5.06 9.54 -19.41
C ILE A 45 -3.55 9.66 -19.36
N GLY A 46 -2.87 8.94 -18.47
CA GLY A 46 -1.43 8.93 -18.52
C GLY A 46 -0.94 8.39 -19.83
N ALA A 47 -1.59 7.32 -20.32
CA ALA A 47 -1.21 6.74 -21.60
C ALA A 47 -1.54 7.70 -22.75
N ASN A 48 -2.80 8.06 -22.91
CA ASN A 48 -3.20 8.77 -24.12
C ASN A 48 -2.62 10.17 -24.19
N MET A 49 -2.38 10.80 -23.05
CA MET A 49 -1.84 12.15 -23.07
C MET A 49 -0.42 12.15 -23.62
N ILE A 50 0.31 11.07 -23.39
CA ILE A 50 1.64 10.91 -23.97
C ILE A 50 1.56 10.40 -25.40
N TRP A 51 0.65 9.45 -25.68
CA TRP A 51 0.41 9.06 -27.05
C TRP A 51 0.08 10.27 -27.92
N ASP A 52 -0.83 11.11 -27.45
CA ASP A 52 -1.20 12.33 -28.17
C ASP A 52 0.00 13.25 -28.36
N ALA A 53 0.84 13.38 -27.34
CA ALA A 53 2.02 14.23 -27.46
C ALA A 53 2.97 13.68 -28.51
N GLU A 54 3.14 12.36 -28.55
CA GLU A 54 3.90 11.72 -29.62
C GLU A 54 3.27 12.00 -30.98
N LYS A 55 1.97 11.74 -31.11
CA LYS A 55 1.29 11.98 -32.38
C LYS A 55 1.38 13.43 -32.81
N ARG A 56 1.39 14.37 -31.86
CA ARG A 56 1.54 15.77 -32.21
C ARG A 56 2.98 16.15 -32.55
N GLY A 57 3.93 15.23 -32.41
CA GLY A 57 5.33 15.50 -32.68
C GLY A 57 6.07 16.30 -31.64
N VAL A 58 5.39 16.87 -30.65
CA VAL A 58 6.06 17.71 -29.66
C VAL A 58 7.04 16.90 -28.81
N LEU A 59 6.77 15.62 -28.64
CA LEU A 59 7.60 14.78 -27.79
C LEU A 59 8.62 14.08 -28.70
N LYS A 60 9.88 14.44 -28.55
CA LYS A 60 10.98 14.15 -29.47
C LYS A 60 12.19 13.69 -28.69
N PRO A 61 13.26 13.25 -29.34
CA PRO A 61 14.47 12.90 -28.58
C PRO A 61 14.90 14.06 -27.70
N GLY A 62 15.15 13.77 -26.42
CA GLY A 62 15.59 14.78 -25.49
C GLY A 62 14.49 15.49 -24.75
N VAL A 63 13.26 15.51 -25.28
CA VAL A 63 12.18 16.19 -24.61
C VAL A 63 11.72 15.38 -23.41
N GLU A 64 11.59 16.06 -22.26
CA GLU A 64 11.19 15.45 -21.01
C GLU A 64 9.81 15.95 -20.62
N LEU A 65 9.12 15.17 -19.80
CA LEU A 65 7.77 15.46 -19.34
C LEU A 65 7.80 16.10 -17.97
N VAL A 66 6.84 17.00 -17.73
CA VAL A 66 6.69 17.67 -16.44
C VAL A 66 5.21 17.86 -16.15
N GLU A 67 4.78 17.45 -14.95
CA GLU A 67 3.42 17.74 -14.52
C GLU A 67 3.40 18.00 -13.02
N PRO A 68 2.60 18.95 -12.56
CA PRO A 68 2.30 19.02 -11.12
C PRO A 68 1.10 18.17 -10.74
N THR A 69 1.28 17.28 -9.77
CA THR A 69 0.20 16.42 -9.33
C THR A 69 0.59 15.77 -8.02
N SER A 70 -0.35 15.73 -7.08
CA SER A 70 -0.19 14.97 -5.84
C SER A 70 -1.05 13.72 -5.83
N GLY A 71 -1.67 13.39 -6.94
CA GLY A 71 -2.60 12.29 -6.95
C GLY A 71 -2.29 11.23 -7.97
N ASN A 72 -3.33 10.51 -8.40
CA ASN A 72 -3.15 9.35 -9.26
C ASN A 72 -2.62 9.69 -10.64
N THR A 73 -2.75 10.93 -11.09
CA THR A 73 -2.17 11.26 -12.38
C THR A 73 -0.66 11.08 -12.34
N GLY A 74 -0.04 11.42 -11.21
CA GLY A 74 1.40 11.26 -11.07
C GLY A 74 1.84 9.82 -11.21
N ILE A 75 1.09 8.90 -10.62
CA ILE A 75 1.40 7.48 -10.77
C ILE A 75 1.21 7.04 -12.21
N ALA A 76 0.14 7.52 -12.86
CA ALA A 76 -0.16 7.12 -14.22
C ALA A 76 0.91 7.58 -15.18
N LEU A 77 1.34 8.82 -15.05
CA LEU A 77 2.41 9.32 -15.90
C LEU A 77 3.72 8.59 -15.63
N ALA A 78 3.96 8.21 -14.38
CA ALA A 78 5.20 7.54 -14.04
C ALA A 78 5.31 6.19 -14.74
N TYR A 79 4.25 5.38 -14.71
CA TYR A 79 4.38 4.06 -15.30
C TYR A 79 4.44 4.15 -16.82
N VAL A 80 3.78 5.13 -17.43
CA VAL A 80 3.81 5.24 -18.88
C VAL A 80 5.19 5.70 -19.35
N ALA A 81 5.74 6.72 -18.70
CA ALA A 81 7.07 7.20 -19.04
C ALA A 81 8.12 6.10 -18.87
N ALA A 82 7.95 5.28 -17.82
CA ALA A 82 8.83 4.14 -17.63
C ALA A 82 8.63 3.13 -18.75
N ALA A 83 7.39 2.93 -19.18
CA ALA A 83 7.10 1.91 -20.18
C ALA A 83 7.63 2.31 -21.55
N ARG A 84 7.60 3.59 -21.86
CA ARG A 84 7.91 4.09 -23.18
C ARG A 84 9.19 4.91 -23.25
N GLY A 85 10.01 4.89 -22.20
CA GLY A 85 11.32 5.48 -22.24
C GLY A 85 11.38 7.00 -22.23
N TYR A 86 10.55 7.64 -21.42
CA TYR A 86 10.61 9.08 -21.26
C TYR A 86 11.09 9.44 -19.86
N LYS A 87 11.67 10.61 -19.76
CA LYS A 87 12.09 11.16 -18.48
C LYS A 87 10.96 12.03 -17.94
N LEU A 88 10.58 11.77 -16.70
CA LEU A 88 9.46 12.46 -16.10
C LEU A 88 9.92 13.17 -14.83
N THR A 89 9.47 14.41 -14.68
CA THR A 89 9.63 15.17 -13.46
C THR A 89 8.25 15.50 -12.95
N LEU A 90 7.96 15.11 -11.71
CA LEU A 90 6.70 15.42 -11.07
C LEU A 90 6.99 16.43 -9.98
N THR A 91 6.20 17.49 -9.98
CA THR A 91 6.26 18.55 -9.00
C THR A 91 5.01 18.35 -8.17
N MET A 92 5.15 18.53 -6.87
CA MET A 92 4.14 18.08 -5.93
C MET A 92 4.44 18.66 -4.56
N PRO A 93 3.48 18.90 -3.67
CA PRO A 93 3.84 19.51 -2.35
C PRO A 93 4.75 18.63 -1.44
N GLU A 94 5.41 19.16 -0.38
CA GLU A 94 6.19 18.23 0.44
C GLU A 94 5.34 17.48 1.44
N THR A 95 4.02 17.72 1.46
CA THR A 95 3.14 16.93 2.30
C THR A 95 3.01 15.50 1.83
N MET A 96 3.47 15.19 0.64
CA MET A 96 3.35 13.85 0.11
C MET A 96 4.17 12.89 0.96
N SER A 97 3.61 11.73 1.25
CA SER A 97 4.20 10.79 2.18
C SER A 97 5.47 10.16 1.60
N ILE A 98 6.27 9.62 2.52
CA ILE A 98 7.45 8.86 2.13
C ILE A 98 7.06 7.69 1.23
N GLU A 99 6.00 6.97 1.61
CA GLU A 99 5.58 5.80 0.84
C GLU A 99 5.13 6.19 -0.56
N ARG A 100 4.46 7.32 -0.70
CA ARG A 100 4.10 7.75 -2.04
C ARG A 100 5.31 8.17 -2.83
N ARG A 101 6.30 8.82 -2.21
CA ARG A 101 7.52 9.12 -2.94
C ARG A 101 8.20 7.85 -3.41
N LYS A 102 8.28 6.85 -2.54
CA LYS A 102 8.93 5.61 -2.94
C LYS A 102 8.27 4.99 -4.16
N LEU A 103 6.93 4.98 -4.20
CA LEU A 103 6.22 4.36 -5.30
C LEU A 103 6.57 5.03 -6.61
N LEU A 104 6.66 6.35 -6.60
CA LEU A 104 7.00 7.10 -7.80
C LEU A 104 8.46 6.90 -8.19
N LYS A 105 9.38 7.00 -7.23
CA LYS A 105 10.79 6.82 -7.59
C LYS A 105 11.04 5.44 -8.14
N ALA A 106 10.36 4.44 -7.60
CA ALA A 106 10.47 3.09 -8.12
C ALA A 106 10.05 3.01 -9.57
N LEU A 107 9.09 3.83 -9.99
CA LEU A 107 8.68 3.94 -11.37
C LEU A 107 9.56 4.88 -12.18
N GLY A 108 10.68 5.33 -11.62
CA GLY A 108 11.66 6.11 -12.35
C GLY A 108 11.43 7.59 -12.40
N ALA A 109 10.40 8.10 -11.73
CA ALA A 109 10.07 9.50 -11.82
C ALA A 109 11.04 10.34 -11.01
N ASN A 110 11.27 11.56 -11.48
CA ASN A 110 12.08 12.51 -10.73
C ASN A 110 11.16 13.44 -9.96
N LEU A 111 11.45 13.64 -8.68
CA LEU A 111 10.56 14.35 -7.79
C LEU A 111 11.12 15.70 -7.38
N VAL A 112 10.25 16.70 -7.42
CA VAL A 112 10.57 18.04 -6.96
C VAL A 112 9.51 18.40 -5.94
N LEU A 113 9.92 18.52 -4.68
CA LEU A 113 9.03 18.77 -3.55
C LEU A 113 9.04 20.26 -3.23
N THR A 114 7.85 20.84 -3.16
CA THR A 114 7.72 22.27 -2.94
C THR A 114 7.18 22.56 -1.54
N GLU A 115 7.22 23.84 -1.20
CA GLU A 115 6.96 24.28 0.16
C GLU A 115 5.54 23.97 0.58
N GLY A 116 5.39 23.32 1.73
CA GLY A 116 4.13 22.68 2.05
C GLY A 116 2.96 23.64 2.15
N ALA A 117 3.17 24.78 2.81
CA ALA A 117 2.10 25.75 3.01
C ALA A 117 1.66 26.42 1.71
N LYS A 118 2.50 26.45 0.69
CA LYS A 118 2.06 26.96 -0.60
C LYS A 118 1.14 26.00 -1.32
N GLY A 119 1.03 24.76 -0.84
CA GLY A 119 0.08 23.81 -1.40
C GLY A 119 0.30 23.54 -2.86
N MET A 120 -0.80 23.40 -3.59
CA MET A 120 -0.71 22.93 -4.97
C MET A 120 -0.23 24.02 -5.90
N LYS A 121 -0.51 25.28 -5.60
CA LYS A 121 -0.05 26.36 -6.46
C LYS A 121 1.47 26.45 -6.46
N GLY A 122 2.09 26.22 -5.32
CA GLY A 122 3.54 26.15 -5.28
C GLY A 122 4.10 25.05 -6.16
N ALA A 123 3.41 23.91 -6.21
CA ALA A 123 3.83 22.83 -7.10
C ALA A 123 3.55 23.18 -8.56
N ILE A 124 2.46 23.89 -8.81
CA ILE A 124 2.17 24.33 -10.17
C ILE A 124 3.19 25.37 -10.62
N GLN A 125 3.51 26.31 -9.74
CA GLN A 125 4.50 27.34 -10.08
C GLN A 125 5.85 26.72 -10.42
N LYS A 126 6.33 25.80 -9.58
CA LYS A 126 7.65 25.24 -9.81
C LYS A 126 7.73 24.51 -11.14
N ALA A 127 6.66 23.79 -11.49
CA ALA A 127 6.64 23.12 -12.78
C ALA A 127 6.71 24.12 -13.92
N GLU A 128 6.05 25.27 -13.75
CA GLU A 128 6.10 26.29 -14.79
C GLU A 128 7.47 26.95 -14.86
N GLU A 129 8.15 27.07 -13.71
CA GLU A 129 9.49 27.61 -13.71
C GLU A 129 10.48 26.62 -14.31
N ILE A 130 10.25 25.32 -14.13
CA ILE A 130 11.11 24.32 -14.76
C ILE A 130 10.97 24.38 -16.27
N VAL A 131 9.74 24.43 -16.77
CA VAL A 131 9.57 24.50 -18.22
C VAL A 131 10.13 25.83 -18.75
N ALA A 132 10.02 26.90 -17.97
CA ALA A 132 10.56 28.17 -18.42
C ALA A 132 12.09 28.14 -18.51
N SER A 133 12.73 27.29 -17.72
CA SER A 133 14.19 27.24 -17.75
C SER A 133 14.71 26.65 -19.06
N ASN A 134 13.91 25.85 -19.77
CA ASN A 134 14.24 25.36 -21.11
C ASN A 134 12.99 24.87 -21.81
N PRO A 135 12.16 25.76 -22.37
CA PRO A 135 10.89 25.30 -22.95
C PRO A 135 11.05 24.28 -24.05
N GLU A 136 12.20 24.20 -24.70
CA GLU A 136 12.39 23.22 -25.74
C GLU A 136 12.64 21.83 -25.18
N LYS A 137 13.19 21.74 -23.97
CA LYS A 137 13.46 20.44 -23.37
C LYS A 137 12.26 19.87 -22.62
N TYR A 138 11.45 20.72 -22.02
CA TYR A 138 10.41 20.26 -21.11
C TYR A 138 9.03 20.47 -21.74
N LEU A 139 8.11 19.56 -21.43
CA LEU A 139 6.75 19.64 -21.94
C LEU A 139 5.75 19.39 -20.81
N LEU A 140 4.76 20.25 -20.73
CA LEU A 140 3.79 20.24 -19.65
C LEU A 140 2.52 19.56 -20.13
N LEU A 141 2.06 18.56 -19.38
CA LEU A 141 0.92 17.78 -19.83
C LEU A 141 -0.39 18.51 -19.59
N GLN A 142 -0.52 19.20 -18.46
CA GLN A 142 -1.68 20.04 -18.15
C GLN A 142 -2.98 19.22 -18.14
N GLN A 143 -3.07 18.34 -17.14
CA GLN A 143 -4.17 17.37 -17.09
C GLN A 143 -5.54 18.04 -17.06
N PHE A 144 -5.62 19.25 -16.54
CA PHE A 144 -6.93 19.87 -16.38
C PHE A 144 -7.47 20.46 -17.66
N SER A 145 -6.60 20.83 -18.59
CA SER A 145 -7.01 21.47 -19.83
C SER A 145 -6.78 20.62 -21.07
N ASN A 146 -5.86 19.67 -21.01
CA ASN A 146 -5.49 18.85 -22.15
C ASN A 146 -6.69 18.07 -22.67
N PRO A 147 -7.16 18.36 -23.88
CA PRO A 147 -8.29 17.60 -24.44
C PRO A 147 -7.98 16.17 -24.74
N ALA A 148 -6.71 15.75 -24.68
CA ALA A 148 -6.39 14.34 -24.74
C ALA A 148 -6.90 13.61 -23.50
N ASN A 149 -7.19 14.35 -22.45
CA ASN A 149 -7.80 13.77 -21.25
C ASN A 149 -9.19 13.21 -21.56
N PRO A 150 -10.18 14.03 -21.93
CA PRO A 150 -11.48 13.43 -22.27
C PRO A 150 -11.47 12.61 -23.54
N GLU A 151 -10.49 12.80 -24.43
CA GLU A 151 -10.47 12.05 -25.68
C GLU A 151 -10.38 10.55 -25.44
N ILE A 152 -9.58 10.13 -24.46
CA ILE A 152 -9.41 8.71 -24.21
C ILE A 152 -10.66 8.09 -23.60
N HIS A 153 -11.44 8.87 -22.86
CA HIS A 153 -12.70 8.36 -22.35
C HIS A 153 -13.77 8.31 -23.42
N GLU A 154 -13.67 9.14 -24.45
CA GLU A 154 -14.58 9.05 -25.57
C GLU A 154 -14.21 7.87 -26.47
N LYS A 155 -12.93 7.52 -26.50
CA LYS A 155 -12.45 6.43 -27.32
C LYS A 155 -12.45 5.09 -26.61
N THR A 156 -12.40 5.08 -25.27
CA THR A 156 -12.31 3.81 -24.56
C THR A 156 -13.41 3.63 -23.52
N THR A 157 -13.39 4.45 -22.47
CA THR A 157 -14.29 4.23 -21.33
C THR A 157 -15.74 4.23 -21.77
N GLY A 158 -16.13 5.24 -22.55
CA GLY A 158 -17.47 5.31 -23.09
C GLY A 158 -17.89 4.09 -23.88
N PRO A 159 -17.18 3.77 -24.97
CA PRO A 159 -17.51 2.57 -25.73
C PRO A 159 -17.63 1.29 -24.90
N GLU A 160 -16.76 1.10 -23.91
CA GLU A 160 -16.85 -0.10 -23.08
C GLU A 160 -18.15 -0.14 -22.32
N ILE A 161 -18.60 1.00 -21.80
CA ILE A 161 -19.87 1.06 -21.09
C ILE A 161 -21.02 0.76 -22.05
N TRP A 162 -20.98 1.34 -23.24
CA TRP A 162 -22.00 1.06 -24.23
C TRP A 162 -22.05 -0.42 -24.55
N GLU A 163 -20.91 -1.00 -24.93
CA GLU A 163 -20.90 -2.40 -25.34
C GLU A 163 -21.34 -3.31 -24.22
N ASP A 164 -20.84 -3.07 -23.00
CA ASP A 164 -21.16 -3.97 -21.91
C ASP A 164 -22.62 -3.91 -21.51
N THR A 165 -23.27 -2.75 -21.66
CA THR A 165 -24.66 -2.61 -21.26
C THR A 165 -25.64 -2.80 -22.40
N ASP A 166 -25.15 -3.09 -23.61
CA ASP A 166 -25.98 -3.14 -24.81
C ASP A 166 -26.84 -1.90 -24.91
N GLY A 167 -26.23 -0.75 -24.63
CA GLY A 167 -26.93 0.51 -24.74
C GLY A 167 -28.01 0.77 -23.72
N GLN A 168 -28.18 -0.07 -22.70
CA GLN A 168 -29.30 0.12 -21.78
C GLN A 168 -28.91 0.91 -20.54
N VAL A 169 -27.74 1.55 -20.56
CA VAL A 169 -27.40 2.49 -19.51
C VAL A 169 -28.34 3.68 -19.58
N ASP A 170 -28.89 4.06 -18.43
CA ASP A 170 -29.82 5.17 -18.34
C ASP A 170 -29.22 6.36 -17.62
N VAL A 171 -28.48 6.12 -16.54
CA VAL A 171 -27.75 7.15 -15.81
C VAL A 171 -26.27 6.79 -15.79
N PHE A 172 -25.42 7.80 -15.96
CA PHE A 172 -23.97 7.67 -15.80
C PHE A 172 -23.49 8.61 -14.71
N ILE A 173 -22.86 8.06 -13.67
CA ILE A 173 -22.41 8.82 -12.51
C ILE A 173 -20.89 8.77 -12.41
N ALA A 174 -20.26 9.94 -12.31
CA ALA A 174 -18.81 10.00 -12.19
C ALA A 174 -18.44 11.21 -11.33
N GLY A 175 -17.62 10.97 -10.30
CA GLY A 175 -17.00 12.09 -9.61
C GLY A 175 -16.06 12.87 -10.50
N VAL A 176 -15.97 14.16 -10.24
CA VAL A 176 -15.24 15.07 -11.14
C VAL A 176 -14.00 15.58 -10.42
N GLY A 177 -12.84 15.18 -10.94
CA GLY A 177 -11.55 15.76 -10.59
C GLY A 177 -11.09 16.71 -11.68
N THR A 178 -10.68 16.14 -12.82
CA THR A 178 -10.37 16.94 -14.00
C THR A 178 -11.56 17.14 -14.92
N GLY A 179 -12.59 16.30 -14.78
CA GLY A 179 -13.74 16.34 -15.65
C GLY A 179 -13.67 15.45 -16.86
N GLY A 180 -12.50 14.86 -17.15
CA GLY A 180 -12.32 14.12 -18.38
C GLY A 180 -13.22 12.90 -18.50
N THR A 181 -13.31 12.10 -17.44
CA THR A 181 -14.14 10.90 -17.49
C THR A 181 -15.58 11.23 -17.87
N LEU A 182 -16.20 12.10 -17.09
CA LEU A 182 -17.59 12.46 -17.34
C LEU A 182 -17.76 13.05 -18.73
N THR A 183 -16.87 13.95 -19.13
CA THR A 183 -17.01 14.64 -20.41
C THR A 183 -16.96 13.65 -21.58
N GLY A 184 -15.90 12.86 -21.67
CA GLY A 184 -15.76 11.96 -22.80
C GLY A 184 -16.83 10.88 -22.84
N VAL A 185 -17.13 10.28 -21.70
CA VAL A 185 -18.13 9.21 -21.69
C VAL A 185 -19.49 9.75 -22.13
N SER A 186 -19.88 10.90 -21.58
CA SER A 186 -21.09 11.57 -22.03
C SER A 186 -21.02 11.90 -23.51
N ARG A 187 -19.89 12.46 -23.92
CA ARG A 187 -19.72 12.94 -25.27
C ARG A 187 -19.83 11.79 -26.28
N TYR A 188 -19.41 10.59 -25.90
CA TYR A 188 -19.56 9.45 -26.78
C TYR A 188 -21.00 8.96 -26.81
N ILE A 189 -21.60 8.75 -25.64
CA ILE A 189 -22.92 8.14 -25.58
C ILE A 189 -24.00 9.10 -26.08
N LYS A 190 -23.88 10.38 -25.75
CA LYS A 190 -24.87 11.37 -26.18
C LYS A 190 -24.64 11.79 -27.63
N GLY A 191 -23.41 12.08 -28.00
CA GLY A 191 -23.11 12.50 -29.34
C GLY A 191 -22.98 11.37 -30.33
N THR A 192 -21.98 10.51 -30.15
CA THR A 192 -21.65 9.52 -31.16
C THR A 192 -22.78 8.49 -31.32
N LYS A 193 -23.40 8.07 -30.23
CA LYS A 193 -24.49 7.11 -30.27
C LYS A 193 -25.86 7.75 -30.18
N GLY A 194 -25.93 9.06 -30.03
CA GLY A 194 -27.19 9.77 -30.06
C GLY A 194 -28.17 9.44 -28.96
N LYS A 195 -27.72 8.96 -27.81
CA LYS A 195 -28.63 8.76 -26.69
C LYS A 195 -28.64 10.04 -25.87
N THR A 196 -29.44 10.98 -26.33
CA THR A 196 -29.57 12.25 -25.63
C THR A 196 -30.40 12.07 -24.37
N ASP A 197 -31.14 10.97 -24.28
CA ASP A 197 -31.83 10.60 -23.04
C ASP A 197 -30.89 10.47 -21.86
N LEU A 198 -29.63 10.13 -22.09
CA LEU A 198 -28.72 9.83 -20.99
C LEU A 198 -28.72 10.94 -19.96
N ILE A 199 -28.82 10.56 -18.69
CA ILE A 199 -28.68 11.48 -17.58
C ILE A 199 -27.25 11.35 -17.08
N SER A 200 -26.46 12.41 -17.23
CA SER A 200 -25.09 12.44 -16.75
C SER A 200 -25.02 13.16 -15.41
N VAL A 201 -24.47 12.48 -14.40
CA VAL A 201 -24.42 12.99 -13.04
C VAL A 201 -22.98 13.23 -12.62
N ALA A 202 -22.68 14.47 -12.26
CA ALA A 202 -21.39 14.82 -11.69
C ALA A 202 -21.48 14.69 -10.17
N VAL A 203 -20.41 14.18 -9.56
CA VAL A 203 -20.35 14.05 -8.11
C VAL A 203 -19.22 14.93 -7.61
N GLU A 204 -19.51 15.70 -6.57
CA GLU A 204 -18.52 16.57 -5.94
C GLU A 204 -18.72 16.56 -4.43
N PRO A 205 -17.79 17.10 -3.65
CA PRO A 205 -18.01 17.16 -2.21
C PRO A 205 -18.93 18.31 -1.81
N THR A 206 -19.68 18.08 -0.72
CA THR A 206 -20.52 19.14 -0.18
C THR A 206 -19.71 20.28 0.39
N ASP A 207 -18.50 20.01 0.89
CA ASP A 207 -17.63 21.01 1.48
C ASP A 207 -16.81 21.79 0.45
N SER A 208 -16.91 21.46 -0.84
CA SER A 208 -16.32 22.27 -1.92
C SER A 208 -17.15 22.10 -3.19
N PRO A 209 -18.42 22.65 -3.20
CA PRO A 209 -19.42 22.30 -4.22
C PRO A 209 -19.42 23.23 -5.43
N VAL A 210 -18.26 23.37 -6.10
CA VAL A 210 -18.11 24.44 -7.07
C VAL A 210 -18.87 24.19 -8.37
N ILE A 211 -19.13 22.93 -8.72
CA ILE A 211 -19.91 22.64 -9.93
C ILE A 211 -21.34 23.09 -9.73
N ALA A 212 -21.90 22.81 -8.55
CA ALA A 212 -23.25 23.27 -8.26
C ALA A 212 -23.30 24.78 -8.23
N GLN A 213 -22.26 25.41 -7.68
CA GLN A 213 -22.20 26.87 -7.70
C GLN A 213 -22.15 27.41 -9.12
N ALA A 214 -21.40 26.75 -10.00
CA ALA A 214 -21.25 27.24 -11.36
C ALA A 214 -22.57 27.22 -12.12
N LEU A 215 -23.39 26.20 -11.92
CA LEU A 215 -24.65 26.14 -12.64
C LEU A 215 -25.75 26.97 -12.03
N ALA A 216 -25.53 27.57 -10.87
CA ALA A 216 -26.48 28.51 -10.32
C ALA A 216 -26.08 29.95 -10.55
N GLY A 217 -24.96 30.19 -11.25
CA GLY A 217 -24.45 31.53 -11.36
C GLY A 217 -23.87 32.10 -10.09
N GLU A 218 -23.71 31.30 -9.04
CA GLU A 218 -23.14 31.77 -7.79
C GLU A 218 -21.63 31.98 -7.92
N GLU A 219 -21.05 32.71 -6.98
CA GLU A 219 -19.60 32.87 -6.98
C GLU A 219 -18.98 31.59 -6.45
N ILE A 220 -17.81 31.28 -6.98
CA ILE A 220 -17.14 30.00 -6.71
C ILE A 220 -16.36 30.12 -5.42
N LYS A 221 -16.76 29.35 -4.41
CA LYS A 221 -16.19 29.42 -3.08
C LYS A 221 -15.83 28.00 -2.66
N PRO A 222 -14.61 27.56 -2.96
CA PRO A 222 -14.18 26.21 -2.61
C PRO A 222 -13.71 26.10 -1.16
N GLY A 223 -13.57 24.86 -0.72
CA GLY A 223 -13.07 24.56 0.59
C GLY A 223 -12.44 23.18 0.65
N PRO A 224 -11.85 22.87 1.78
CA PRO A 224 -11.24 21.56 1.96
C PRO A 224 -12.31 20.49 2.07
N HIS A 225 -11.95 19.30 1.60
CA HIS A 225 -12.83 18.14 1.65
C HIS A 225 -11.96 16.91 1.74
N LYS A 226 -12.58 15.76 2.02
CA LYS A 226 -11.85 14.51 2.23
C LYS A 226 -12.07 13.49 1.13
N ILE A 227 -12.69 13.87 0.02
CA ILE A 227 -12.98 12.89 -1.04
C ILE A 227 -11.83 13.01 -2.03
N GLN A 228 -10.73 12.32 -1.71
CA GLN A 228 -9.49 12.46 -2.46
C GLN A 228 -9.69 12.01 -3.91
N GLY A 229 -9.27 12.86 -4.85
CA GLY A 229 -9.36 12.55 -6.25
C GLY A 229 -10.36 13.40 -7.01
N ILE A 230 -11.37 13.92 -6.34
CA ILE A 230 -12.36 14.76 -6.98
C ILE A 230 -12.31 16.08 -6.24
N GLY A 231 -13.17 17.01 -6.60
CA GLY A 231 -13.28 18.24 -5.84
C GLY A 231 -12.07 19.13 -5.98
N ALA A 232 -11.76 19.54 -7.21
CA ALA A 232 -10.60 20.39 -7.48
C ALA A 232 -10.73 21.81 -6.92
N GLY A 233 -11.94 22.30 -6.70
CA GLY A 233 -12.09 23.67 -6.25
C GLY A 233 -12.19 24.68 -7.35
N PHE A 234 -12.36 24.24 -8.58
CA PHE A 234 -12.57 25.11 -9.73
C PHE A 234 -13.15 24.24 -10.82
N ILE A 235 -13.65 24.90 -11.86
CA ILE A 235 -14.29 24.19 -12.97
C ILE A 235 -13.21 23.99 -14.00
N PRO A 236 -12.65 22.80 -14.13
CA PRO A 236 -11.54 22.60 -15.03
C PRO A 236 -12.00 22.68 -16.47
N ALA A 237 -11.07 23.06 -17.34
CA ALA A 237 -11.40 23.21 -18.75
C ALA A 237 -11.92 21.91 -19.35
N ASN A 238 -11.51 20.78 -18.80
CA ASN A 238 -11.95 19.50 -19.33
C ASN A 238 -13.29 19.06 -18.80
N LEU A 239 -13.98 19.92 -18.05
CA LEU A 239 -15.35 19.67 -17.65
C LEU A 239 -16.28 20.49 -18.54
N ASP A 240 -17.08 19.80 -19.35
CA ASP A 240 -18.01 20.47 -20.24
C ASP A 240 -19.37 20.56 -19.54
N LEU A 241 -19.66 21.72 -18.96
CA LEU A 241 -20.87 21.88 -18.17
C LEU A 241 -22.14 21.70 -18.97
N LYS A 242 -22.08 21.88 -20.29
CA LYS A 242 -23.26 21.69 -21.12
C LYS A 242 -23.75 20.26 -21.09
N LEU A 243 -22.89 19.30 -20.72
CA LEU A 243 -23.25 17.90 -20.68
C LEU A 243 -23.66 17.40 -19.31
N VAL A 244 -23.53 18.21 -18.27
CA VAL A 244 -23.84 17.78 -16.92
C VAL A 244 -25.33 18.00 -16.68
N ASP A 245 -26.07 16.92 -16.50
CA ASP A 245 -27.49 17.04 -16.25
C ASP A 245 -27.80 17.28 -14.79
N LYS A 246 -26.91 16.90 -13.89
CA LYS A 246 -27.23 16.89 -12.48
C LYS A 246 -25.93 16.75 -11.71
N VAL A 247 -25.88 17.36 -10.53
CA VAL A 247 -24.68 17.34 -9.71
C VAL A 247 -25.12 17.01 -8.30
N ILE A 248 -24.44 16.05 -7.69
CA ILE A 248 -24.77 15.58 -6.35
C ILE A 248 -23.56 15.80 -5.48
N GLY A 249 -23.76 16.52 -4.37
CA GLY A 249 -22.73 16.70 -3.39
C GLY A 249 -22.80 15.58 -2.38
N ILE A 250 -21.63 15.08 -2.00
CA ILE A 250 -21.51 13.98 -1.07
C ILE A 250 -20.70 14.48 0.11
N THR A 251 -21.09 14.07 1.31
CA THR A 251 -20.35 14.49 2.49
C THR A 251 -19.17 13.57 2.68
N ASN A 252 -18.17 14.07 3.42
CA ASN A 252 -17.03 13.25 3.78
C ASN A 252 -17.49 11.91 4.34
N GLU A 253 -18.45 11.94 5.24
CA GLU A 253 -18.79 10.73 5.96
C GLU A 253 -19.64 9.78 5.15
N GLU A 254 -20.37 10.27 4.15
CA GLU A 254 -21.08 9.37 3.26
C GLU A 254 -20.11 8.61 2.35
N ALA A 255 -19.05 9.27 1.93
CA ALA A 255 -18.07 8.63 1.07
C ALA A 255 -17.26 7.58 1.80
N ILE A 256 -16.80 7.87 3.03
CA ILE A 256 -16.02 6.89 3.77
C ILE A 256 -16.83 5.62 3.99
N SER A 257 -18.04 5.75 4.53
CA SER A 257 -18.81 4.55 4.88
C SER A 257 -19.26 3.77 3.65
N THR A 258 -19.62 4.47 2.58
CA THR A 258 -20.00 3.76 1.37
C THR A 258 -18.80 3.04 0.75
N ALA A 259 -17.61 3.64 0.83
CA ALA A 259 -16.42 2.94 0.38
C ALA A 259 -16.18 1.70 1.21
N ARG A 260 -16.41 1.79 2.52
CA ARG A 260 -16.22 0.63 3.38
C ARG A 260 -17.30 -0.41 3.15
N ARG A 261 -18.50 0.02 2.75
CA ARG A 261 -19.55 -0.92 2.37
C ARG A 261 -19.16 -1.68 1.12
N LEU A 262 -18.55 -0.99 0.16
CA LEU A 262 -18.08 -1.66 -1.05
C LEU A 262 -17.08 -2.76 -0.72
N MET A 263 -16.19 -2.52 0.23
CA MET A 263 -15.19 -3.51 0.57
C MET A 263 -15.79 -4.68 1.34
N GLU A 264 -16.60 -4.39 2.36
CA GLU A 264 -17.11 -5.46 3.21
C GLU A 264 -18.33 -6.13 2.61
N GLU A 265 -19.18 -5.40 1.91
CA GLU A 265 -20.40 -5.99 1.38
C GLU A 265 -20.27 -6.48 -0.05
N GLU A 266 -19.34 -5.93 -0.83
CA GLU A 266 -19.18 -6.35 -2.22
C GLU A 266 -17.84 -6.96 -2.56
N GLY A 267 -16.86 -6.95 -1.68
CA GLY A 267 -15.56 -7.47 -2.04
C GLY A 267 -14.85 -6.66 -3.10
N ILE A 268 -15.11 -5.38 -3.16
CA ILE A 268 -14.47 -4.50 -4.11
C ILE A 268 -13.67 -3.51 -3.29
N LEU A 269 -12.35 -3.61 -3.34
CA LEU A 269 -11.51 -2.61 -2.71
C LEU A 269 -11.78 -1.26 -3.32
N ALA A 270 -12.02 -0.27 -2.47
CA ALA A 270 -12.54 1.01 -2.89
C ALA A 270 -11.92 2.14 -2.09
N GLY A 271 -11.59 3.24 -2.77
CA GLY A 271 -11.22 4.47 -2.11
C GLY A 271 -12.42 5.35 -1.81
N ILE A 272 -12.13 6.53 -1.24
CA ILE A 272 -13.19 7.45 -0.85
C ILE A 272 -13.98 7.90 -2.07
N SER A 273 -13.31 8.22 -3.16
CA SER A 273 -14.00 8.74 -4.32
C SER A 273 -14.92 7.69 -4.93
N SER A 274 -14.60 6.40 -4.75
CA SER A 274 -15.49 5.34 -5.19
C SER A 274 -16.71 5.25 -4.32
N GLY A 275 -16.54 5.38 -3.00
CA GLY A 275 -17.67 5.39 -2.11
C GLY A 275 -18.58 6.57 -2.35
N ALA A 276 -18.01 7.69 -2.76
CA ALA A 276 -18.82 8.86 -3.03
C ALA A 276 -19.66 8.68 -4.29
N ALA A 277 -19.08 8.12 -5.33
CA ALA A 277 -19.86 7.92 -6.54
C ALA A 277 -21.00 6.93 -6.30
N VAL A 278 -20.74 5.90 -5.52
CA VAL A 278 -21.81 4.96 -5.21
C VAL A 278 -22.84 5.61 -4.29
N ALA A 279 -22.41 6.43 -3.35
CA ALA A 279 -23.34 7.13 -2.48
C ALA A 279 -24.29 8.00 -3.29
N ALA A 280 -23.79 8.59 -4.37
CA ALA A 280 -24.64 9.38 -5.25
C ALA A 280 -25.65 8.51 -5.98
N ALA A 281 -25.25 7.29 -6.37
CA ALA A 281 -26.22 6.40 -6.99
C ALA A 281 -27.34 6.04 -6.01
N LEU A 282 -26.98 5.79 -4.76
CA LEU A 282 -27.98 5.45 -3.76
C LEU A 282 -28.92 6.62 -3.51
N LYS A 283 -28.39 7.85 -3.50
CA LYS A 283 -29.26 9.00 -3.34
C LYS A 283 -30.18 9.17 -4.54
N LEU A 284 -29.71 8.86 -5.73
CA LEU A 284 -30.57 8.94 -6.89
C LEU A 284 -31.69 7.91 -6.83
N GLN A 285 -31.45 6.76 -6.21
CA GLN A 285 -32.43 5.70 -6.18
C GLN A 285 -33.50 5.86 -5.12
N GLU A 286 -33.35 6.84 -4.21
CA GLU A 286 -34.45 7.10 -3.30
C GLU A 286 -35.51 7.98 -3.95
N ASP A 287 -35.17 8.64 -5.06
CA ASP A 287 -36.19 9.16 -5.96
C ASP A 287 -36.74 8.01 -6.78
N GLU A 288 -38.06 7.82 -6.72
CA GLU A 288 -38.70 6.68 -7.33
C GLU A 288 -38.73 6.77 -8.85
N SER A 289 -38.42 7.93 -9.42
CA SER A 289 -38.28 8.02 -10.87
C SER A 289 -37.05 7.29 -11.39
N PHE A 290 -36.06 7.01 -10.53
CA PHE A 290 -34.87 6.27 -10.90
C PHE A 290 -34.87 4.84 -10.38
N THR A 291 -35.99 4.36 -9.86
CA THR A 291 -36.03 3.07 -9.20
C THR A 291 -35.81 1.92 -10.17
N ASN A 292 -36.14 2.09 -11.44
CA ASN A 292 -36.01 1.01 -12.41
C ASN A 292 -35.04 1.32 -13.54
N LYS A 293 -34.08 2.21 -13.31
CA LYS A 293 -33.12 2.59 -14.33
C LYS A 293 -31.79 1.87 -14.09
N ASN A 294 -31.05 1.67 -15.18
CA ASN A 294 -29.69 1.12 -15.11
C ASN A 294 -28.68 2.22 -14.85
N ILE A 295 -27.99 2.13 -13.70
CA ILE A 295 -27.09 3.18 -13.26
C ILE A 295 -25.67 2.66 -13.33
N VAL A 296 -24.85 3.29 -14.18
CA VAL A 296 -23.43 2.98 -14.30
C VAL A 296 -22.62 4.02 -13.55
N VAL A 297 -21.75 3.54 -12.67
CA VAL A 297 -20.98 4.39 -11.76
C VAL A 297 -19.51 4.10 -11.96
N ILE A 298 -18.70 5.14 -12.01
CA ILE A 298 -17.25 4.98 -12.09
C ILE A 298 -16.66 4.84 -10.69
N LEU A 299 -15.85 3.81 -10.52
CA LEU A 299 -15.07 3.54 -9.30
C LEU A 299 -13.60 3.79 -9.59
N PRO A 300 -13.06 4.97 -9.28
CA PRO A 300 -11.77 5.36 -9.85
C PRO A 300 -10.53 4.68 -9.28
N SER A 301 -10.49 4.30 -8.00
CA SER A 301 -9.28 3.72 -7.46
C SER A 301 -9.61 2.68 -6.39
N SER A 302 -8.59 1.92 -6.02
CA SER A 302 -8.66 0.85 -5.05
C SER A 302 -8.27 1.33 -3.66
N GLY A 303 -8.96 0.80 -2.65
CA GLY A 303 -8.70 1.19 -1.28
C GLY A 303 -7.32 0.85 -0.76
N GLU A 304 -6.62 -0.10 -1.39
CA GLU A 304 -5.30 -0.50 -0.90
C GLU A 304 -4.26 0.58 -1.10
N ARG A 305 -4.50 1.51 -2.02
CA ARG A 305 -3.62 2.65 -2.21
C ARG A 305 -3.67 3.60 -1.02
N TYR A 306 -4.71 3.51 -0.21
CA TYR A 306 -4.95 4.41 0.90
C TYR A 306 -4.96 3.64 2.20
N LEU A 307 -4.16 2.58 2.26
CA LEU A 307 -4.20 1.68 3.39
C LEU A 307 -3.77 2.39 4.67
N SER A 308 -3.01 3.48 4.54
CA SER A 308 -2.51 4.24 5.68
C SER A 308 -3.46 5.30 6.17
N THR A 309 -4.59 5.48 5.54
CA THR A 309 -5.43 6.64 5.83
C THR A 309 -6.56 6.26 6.76
N ALA A 310 -7.37 7.27 7.12
CA ALA A 310 -8.49 7.09 8.03
C ALA A 310 -9.60 6.27 7.42
N LEU A 311 -9.51 5.93 6.14
CA LEU A 311 -10.46 5.02 5.54
C LEU A 311 -10.55 3.70 6.28
N PHE A 312 -9.50 3.32 6.99
CA PHE A 312 -9.45 2.04 7.71
C PHE A 312 -9.37 2.30 9.22
N ALA A 313 -10.52 2.58 9.84
CA ALA A 313 -10.55 2.99 11.24
C ALA A 313 -11.38 2.10 12.16
N ASP A 314 -11.79 0.91 11.71
CA ASP A 314 -12.56 -0.01 12.54
C ASP A 314 -12.56 -1.43 11.92
N LEU B 133 -19.55 56.75 3.22
CA LEU B 133 -18.14 57.12 3.20
C LEU B 133 -17.55 57.18 4.63
N ASN B 134 -18.22 56.60 5.62
CA ASN B 134 -17.72 56.60 7.00
C ASN B 134 -18.26 55.40 7.79
N GLN B 135 -17.43 54.87 8.70
CA GLN B 135 -17.62 53.52 9.23
C GLN B 135 -18.47 53.48 10.50
N LYS B 136 -18.86 52.26 10.87
CA LYS B 136 -19.76 52.00 11.99
C LYS B 136 -19.52 50.87 12.99
N GLN B 137 -19.58 49.62 12.47
CA GLN B 137 -19.08 48.46 13.17
C GLN B 137 -18.33 47.67 12.11
N GLU B 138 -18.44 48.08 10.85
CA GLU B 138 -17.44 47.69 9.87
C GLU B 138 -16.04 47.86 10.43
N SER B 139 -15.87 48.77 11.39
CA SER B 139 -14.66 48.80 12.21
C SER B 139 -14.46 47.49 12.94
N ALA B 140 -15.46 47.05 13.71
CA ALA B 140 -15.36 45.79 14.45
C ALA B 140 -15.10 44.61 13.56
N ILE B 141 -15.20 44.78 12.25
CA ILE B 141 -14.97 43.72 11.28
C ILE B 141 -13.68 43.90 10.51
N LYS B 142 -13.18 45.12 10.39
CA LYS B 142 -11.85 45.31 9.84
C LYS B 142 -10.78 44.82 10.82
N LYS B 143 -11.03 44.99 12.11
CA LYS B 143 -10.11 44.44 13.10
C LYS B 143 -10.11 42.91 13.05
N ILE B 144 -11.27 42.29 12.83
CA ILE B 144 -11.31 40.84 12.90
C ILE B 144 -10.60 40.21 11.71
N ASP B 145 -10.50 40.89 10.57
CA ASP B 145 -9.72 40.32 9.47
C ASP B 145 -8.25 40.30 9.82
N ASN B 146 -7.74 41.41 10.33
CA ASN B 146 -6.31 41.50 10.57
C ASN B 146 -5.86 40.61 11.71
N THR B 147 -6.66 40.47 12.75
CA THR B 147 -6.23 39.57 13.79
C THR B 147 -6.51 38.11 13.44
N ILE B 148 -7.43 37.84 12.51
CA ILE B 148 -7.51 36.50 11.94
C ILE B 148 -6.23 36.16 11.16
N LYS B 149 -5.47 37.14 10.72
CA LYS B 149 -4.13 36.86 10.24
C LYS B 149 -3.14 36.55 11.36
N ASN B 150 -3.60 36.02 12.50
CA ASN B 150 -2.80 35.08 13.29
C ASN B 150 -3.50 33.73 13.41
N ALA B 151 -4.29 33.37 12.40
CA ALA B 151 -4.82 32.02 12.24
C ALA B 151 -4.50 31.45 10.87
N LEU B 152 -3.52 32.00 10.18
CA LEU B 152 -3.08 31.49 8.89
C LEU B 152 -1.65 30.98 8.98
N LYS B 153 -1.33 30.32 10.08
CA LYS B 153 0.00 29.78 10.26
C LYS B 153 0.27 28.70 9.22
N ASP B 154 1.54 28.47 8.95
CA ASP B 154 1.91 27.40 8.03
C ASP B 154 1.32 26.07 8.43
N HIS B 155 1.32 25.78 9.71
CA HIS B 155 0.93 24.48 10.17
C HIS B 155 -0.55 24.36 10.26
N ASP B 156 -1.23 25.46 10.13
CA ASP B 156 -2.65 25.45 10.02
C ASP B 156 -3.11 25.00 8.65
N ILE B 157 -2.41 25.42 7.63
CA ILE B 157 -2.62 24.99 6.25
C ILE B 157 -2.16 23.55 6.06
N ILE B 158 -0.96 23.24 6.56
CA ILE B 158 -0.39 21.92 6.34
C ILE B 158 -1.20 20.87 7.08
N GLY B 159 -1.79 21.22 8.22
CA GLY B 159 -2.71 20.29 8.86
C GLY B 159 -3.97 20.07 8.06
N THR B 160 -4.52 21.13 7.49
CA THR B 160 -5.66 21.01 6.59
C THR B 160 -5.40 20.04 5.45
N LEU B 161 -4.26 20.20 4.77
CA LEU B 161 -3.91 19.31 3.67
C LEU B 161 -3.79 17.85 4.10
N LYS B 162 -3.18 17.59 5.25
CA LYS B 162 -3.01 16.21 5.65
C LYS B 162 -4.34 15.58 6.03
N ASP B 163 -5.27 16.39 6.52
CA ASP B 163 -6.65 15.92 6.69
C ASP B 163 -7.25 15.52 5.36
N MSE B 164 -7.03 16.33 4.33
CA MSE B 164 -7.47 16.03 2.98
C MSE B 164 -6.93 14.73 2.45
O MSE B 164 -7.63 14.01 1.73
CB MSE B 164 -7.08 17.16 2.03
CG MSE B 164 -7.85 18.44 2.27
SE MSE B 164 -7.68 19.68 0.79
CE MSE B 164 -8.57 18.67 -0.59
N ASP B 165 -5.67 14.43 2.80
CA ASP B 165 -5.04 13.16 2.47
C ASP B 165 -5.52 12.02 3.35
N GLY B 166 -6.43 12.26 4.27
CA GLY B 166 -6.90 11.17 5.07
C GLY B 166 -6.00 10.80 6.20
N LYS B 167 -5.09 11.70 6.59
CA LYS B 167 -4.17 11.47 7.70
C LYS B 167 -4.42 12.53 8.77
N PRO B 168 -5.58 12.50 9.42
CA PRO B 168 -5.81 13.41 10.54
C PRO B 168 -5.04 12.94 11.76
N VAL B 169 -4.85 13.86 12.70
CA VAL B 169 -4.08 13.58 13.90
C VAL B 169 -4.90 12.76 14.86
N PRO B 170 -4.49 11.55 15.21
CA PRO B 170 -5.33 10.73 16.09
C PRO B 170 -5.28 11.23 17.53
N LYS B 171 -6.43 11.13 18.20
CA LYS B 171 -6.50 11.25 19.63
C LYS B 171 -6.30 9.88 20.28
N GLU B 172 -6.13 9.90 21.61
CA GLU B 172 -5.98 8.65 22.36
C GLU B 172 -7.33 8.01 22.72
N ASN B 173 -8.37 8.82 22.96
CA ASN B 173 -9.73 8.33 23.11
C ASN B 173 -10.24 7.51 21.93
N GLY B 174 -9.63 7.65 20.76
CA GLY B 174 -10.28 7.19 19.54
C GLY B 174 -10.98 8.34 18.85
N GLY B 175 -10.84 8.41 17.54
CA GLY B 175 -11.23 9.61 16.82
C GLY B 175 -10.02 10.49 16.58
N TYR B 176 -10.28 11.65 16.00
CA TYR B 176 -9.20 12.44 15.45
C TYR B 176 -9.42 13.92 15.78
N TRP B 177 -8.34 14.67 15.82
CA TRP B 177 -8.44 16.11 15.69
C TRP B 177 -8.74 16.46 14.23
N ASP B 178 -9.50 17.53 14.04
CA ASP B 178 -9.97 17.94 12.72
C ASP B 178 -9.42 19.33 12.44
N HIS B 179 -8.27 19.39 11.80
CA HIS B 179 -7.65 20.66 11.44
C HIS B 179 -8.32 21.34 10.27
N MSE B 180 -8.89 20.56 9.35
CA MSE B 180 -9.57 21.18 8.22
C MSE B 180 -10.91 21.77 8.63
O MSE B 180 -11.43 22.65 7.97
CB MSE B 180 -9.77 20.17 7.08
CG MSE B 180 -10.98 19.26 7.23
SE MSE B 180 -11.40 18.31 5.60
CE MSE B 180 -13.02 19.20 5.11
N GLN B 181 -11.48 21.33 9.75
CA GLN B 181 -12.67 22.01 10.24
C GLN B 181 -12.33 23.40 10.80
N GLU B 182 -11.18 23.54 11.44
CA GLU B 182 -10.74 24.86 11.86
C GLU B 182 -10.46 25.78 10.67
N MSE B 183 -9.90 25.25 9.61
CA MSE B 183 -9.68 26.02 8.40
C MSE B 183 -10.97 26.44 7.73
O MSE B 183 -11.07 27.55 7.21
CB MSE B 183 -8.84 25.23 7.40
CG MSE B 183 -8.27 26.05 6.27
SE MSE B 183 -7.35 27.66 6.80
CE MSE B 183 -5.68 26.91 7.32
N GLN B 184 -11.99 25.56 7.75
CA GLN B 184 -13.29 25.96 7.22
C GLN B 184 -13.87 27.10 8.03
N ASN B 185 -13.68 27.08 9.34
CA ASN B 185 -14.17 28.15 10.18
C ASN B 185 -13.48 29.46 9.85
N THR B 186 -12.16 29.40 9.62
CA THR B 186 -11.39 30.59 9.28
C THR B 186 -11.84 31.17 7.96
N LEU B 187 -12.03 30.30 6.95
CA LEU B 187 -12.57 30.75 5.68
C LEU B 187 -13.90 31.43 5.87
N ARG B 188 -14.74 30.88 6.75
CA ARG B 188 -16.09 31.43 6.89
C ARG B 188 -16.03 32.82 7.48
N GLY B 189 -15.19 33.03 8.50
CA GLY B 189 -15.06 34.36 9.07
C GLY B 189 -14.53 35.36 8.07
N LEU B 190 -13.44 35.01 7.39
CA LEU B 190 -12.86 35.91 6.39
C LEU B 190 -13.84 36.20 5.27
N ARG B 191 -14.54 35.16 4.78
CA ARG B 191 -15.51 35.39 3.71
C ARG B 191 -16.64 36.29 4.18
N ASN B 192 -17.06 36.11 5.43
CA ASN B 192 -18.16 36.90 5.95
C ASN B 192 -17.76 38.36 6.11
N HIS B 193 -16.57 38.61 6.66
CA HIS B 193 -16.12 39.97 6.90
C HIS B 193 -15.76 40.69 5.60
N ALA B 194 -15.31 39.96 4.60
CA ALA B 194 -15.06 40.59 3.32
C ALA B 194 -16.35 41.03 2.67
N ASP B 195 -17.43 40.26 2.86
CA ASP B 195 -18.74 40.67 2.35
C ASP B 195 -19.22 41.92 3.05
N THR B 196 -19.08 41.98 4.37
CA THR B 196 -19.44 43.18 5.12
C THR B 196 -18.83 44.41 4.48
N LEU B 197 -17.57 44.33 4.08
CA LEU B 197 -16.83 45.49 3.61
C LEU B 197 -16.83 45.65 2.10
N LYS B 198 -17.51 44.77 1.37
CA LYS B 198 -17.29 44.70 -0.07
C LYS B 198 -17.59 46.03 -0.76
N ASN B 199 -18.77 46.61 -0.51
CA ASN B 199 -19.18 47.80 -1.24
C ASN B 199 -19.13 49.06 -0.40
N VAL B 200 -18.28 49.10 0.61
CA VAL B 200 -18.18 50.27 1.49
C VAL B 200 -17.27 51.29 0.84
N ASN B 201 -17.83 52.44 0.44
CA ASN B 201 -17.05 53.46 -0.28
C ASN B 201 -16.19 54.21 0.72
N ASN B 202 -15.07 53.59 1.09
CA ASN B 202 -14.18 54.18 2.08
C ASN B 202 -12.81 53.57 1.91
N PRO B 203 -11.73 54.36 1.93
CA PRO B 203 -10.40 53.77 1.66
C PRO B 203 -9.96 52.76 2.69
N GLU B 204 -10.04 53.11 3.98
CA GLU B 204 -9.62 52.19 5.03
C GLU B 204 -10.34 50.85 4.90
N ALA B 205 -11.65 50.87 4.60
CA ALA B 205 -12.39 49.63 4.46
C ALA B 205 -11.99 48.85 3.21
N GLN B 206 -11.65 49.53 2.12
CA GLN B 206 -11.26 48.80 0.92
C GLN B 206 -9.89 48.18 1.10
N ALA B 207 -9.03 48.76 1.93
CA ALA B 207 -7.73 48.16 2.19
C ALA B 207 -7.88 46.84 2.94
N ALA B 208 -8.75 46.84 3.96
CA ALA B 208 -8.97 45.62 4.73
C ALA B 208 -9.59 44.54 3.86
N TYR B 209 -10.45 44.94 2.91
CA TYR B 209 -11.06 44.01 1.99
C TYR B 209 -10.01 43.32 1.12
N GLY B 210 -9.03 44.08 0.63
CA GLY B 210 -7.99 43.49 -0.18
C GLY B 210 -7.16 42.49 0.61
N ARG B 211 -6.93 42.78 1.88
CA ARG B 211 -6.20 41.88 2.75
C ARG B 211 -6.99 40.61 3.00
N ALA B 212 -8.31 40.73 3.14
CA ALA B 212 -9.15 39.57 3.36
C ALA B 212 -9.19 38.68 2.12
N THR B 213 -9.21 39.27 0.93
CA THR B 213 -9.22 38.44 -0.26
C THR B 213 -7.83 37.94 -0.61
N ASP B 214 -6.78 38.68 -0.25
CA ASP B 214 -5.43 38.11 -0.38
C ASP B 214 -5.29 36.87 0.49
N ALA B 215 -5.88 36.90 1.68
CA ALA B 215 -5.79 35.74 2.57
C ALA B 215 -6.69 34.61 2.11
N ILE B 216 -7.87 34.93 1.59
CA ILE B 216 -8.72 33.90 1.03
C ILE B 216 -8.04 33.25 -0.17
N ASN B 217 -7.44 34.07 -1.04
CA ASN B 217 -6.72 33.51 -2.16
C ASN B 217 -5.55 32.67 -1.68
N LYS B 218 -4.90 33.10 -0.60
CA LYS B 218 -3.79 32.33 -0.07
C LYS B 218 -4.21 30.92 0.31
N ILE B 219 -5.39 30.79 0.91
CA ILE B 219 -5.91 29.48 1.30
C ILE B 219 -6.39 28.70 0.08
N GLU B 220 -7.15 29.35 -0.79
CA GLU B 220 -7.70 28.66 -1.94
C GLU B 220 -6.60 28.14 -2.85
N SER B 221 -5.52 28.88 -2.98
CA SER B 221 -4.41 28.48 -3.84
C SER B 221 -3.72 27.23 -3.33
N ALA B 222 -3.70 27.02 -2.01
CA ALA B 222 -3.06 25.84 -1.45
C ALA B 222 -3.86 24.57 -1.76
N LEU B 223 -5.20 24.67 -1.76
CA LEU B 223 -6.06 23.51 -1.87
C LEU B 223 -6.45 23.18 -3.31
N LYS B 224 -6.61 24.18 -4.17
CA LYS B 224 -7.17 23.92 -5.49
C LYS B 224 -6.28 22.95 -6.26
N GLY B 225 -6.88 21.87 -6.74
CA GLY B 225 -6.18 20.86 -7.49
C GLY B 225 -5.50 19.81 -6.64
N TYR B 226 -5.61 19.90 -5.32
CA TYR B 226 -4.88 19.01 -4.46
C TYR B 226 -5.48 17.61 -4.50
N GLY B 227 -4.61 16.61 -4.58
CA GLY B 227 -5.01 15.23 -4.52
C GLY B 227 -5.36 14.62 -5.84
N ILE B 228 -5.25 15.37 -6.93
CA ILE B 228 -5.65 14.92 -8.25
C ILE B 228 -4.46 14.65 -9.17
N ILE C 2 -14.47 22.99 37.67
CA ILE C 2 -14.17 21.76 36.93
C ILE C 2 -13.61 22.06 35.53
N THR C 3 -12.71 21.19 35.08
CA THR C 3 -11.87 21.40 33.90
C THR C 3 -11.98 20.22 32.95
N LEU C 4 -11.52 20.42 31.72
CA LEU C 4 -11.51 19.33 30.73
C LEU C 4 -10.61 18.18 31.15
N ARG C 5 -9.55 18.45 31.90
CA ARG C 5 -8.71 17.37 32.40
C ARG C 5 -9.50 16.48 33.35
N LYS C 6 -10.37 17.07 34.15
CA LYS C 6 -11.16 16.29 35.09
C LYS C 6 -12.17 15.41 34.37
N LEU C 7 -12.69 15.85 33.23
CA LEU C 7 -13.74 15.08 32.57
C LEU C 7 -13.19 13.95 31.72
N ILE C 8 -12.20 14.24 30.87
CA ILE C 8 -11.73 13.28 29.89
C ILE C 8 -10.24 12.98 30.03
N GLY C 9 -9.55 13.62 30.96
CA GLY C 9 -8.13 13.37 31.03
C GLY C 9 -7.45 13.97 29.80
N ASN C 10 -6.19 13.58 29.60
CA ASN C 10 -5.45 14.08 28.45
C ASN C 10 -5.58 13.05 27.33
N ILE C 11 -6.39 13.41 26.32
CA ILE C 11 -6.67 12.57 25.18
C ILE C 11 -5.65 12.73 24.08
N ASN C 12 -4.61 13.52 24.30
CA ASN C 12 -3.54 13.65 23.33
C ASN C 12 -2.72 12.36 23.28
N MSE C 13 -2.38 11.95 22.07
CA MSE C 13 -1.27 11.02 21.88
C MSE C 13 -0.11 11.65 22.63
O MSE C 13 0.19 12.83 22.45
CB MSE C 13 -0.94 10.80 20.41
CG MSE C 13 -1.88 9.88 19.65
SE MSE C 13 -2.09 8.09 20.44
CE MSE C 13 -3.05 7.19 18.99
N THR C 14 0.51 10.87 23.51
CA THR C 14 1.64 11.38 24.29
C THR C 14 2.83 11.62 23.36
N LYS C 15 3.28 12.86 23.30
CA LYS C 15 4.48 13.20 22.57
C LYS C 15 4.97 14.57 23.02
N GLU C 16 6.22 14.87 22.70
CA GLU C 16 6.79 16.12 23.15
C GLU C 16 6.23 17.28 22.33
N PRO C 17 6.11 18.45 22.93
CA PRO C 17 5.41 19.54 22.26
C PRO C 17 6.00 19.89 20.92
N GLU C 18 7.28 19.65 20.71
CA GLU C 18 7.87 19.92 19.41
C GLU C 18 7.26 19.04 18.33
N GLN C 19 6.57 17.97 18.71
CA GLN C 19 5.98 17.05 17.76
C GLN C 19 4.45 17.14 17.72
N GLN C 20 3.88 18.24 18.20
CA GLN C 20 2.44 18.33 18.38
C GLN C 20 1.83 19.28 17.37
N SER C 21 0.64 18.94 16.90
CA SER C 21 -0.08 19.74 15.94
C SER C 21 -0.78 20.90 16.64
N PRO C 22 -1.24 21.89 15.87
CA PRO C 22 -1.88 23.06 16.49
C PRO C 22 -3.04 22.74 17.42
N LEU C 23 -3.82 21.70 17.14
CA LEU C 23 -4.92 21.37 18.03
C LEU C 23 -4.44 20.60 19.24
N GLU C 24 -3.45 19.74 19.08
CA GLU C 24 -2.83 19.09 20.23
C GLU C 24 -2.20 20.12 21.16
N LEU C 25 -1.49 21.09 20.61
CA LEU C 25 -0.93 22.16 21.43
C LEU C 25 -2.03 22.96 22.11
N TRP C 26 -3.04 23.37 21.35
CA TRP C 26 -4.12 24.17 21.91
C TRP C 26 -4.83 23.45 23.03
N PHE C 27 -5.04 22.14 22.88
CA PHE C 27 -5.74 21.41 23.91
C PHE C 27 -4.95 21.39 25.22
N GLU C 28 -3.62 21.30 25.15
CA GLU C 28 -2.82 21.34 26.35
C GLU C 28 -2.82 22.73 27.00
N ARG C 29 -3.17 23.78 26.26
CA ARG C 29 -3.27 25.12 26.84
C ARG C 29 -4.58 25.39 27.54
N ILE C 30 -5.63 24.63 27.24
CA ILE C 30 -6.95 24.88 27.82
C ILE C 30 -7.45 23.75 28.69
N ILE C 31 -6.72 22.63 28.76
CA ILE C 31 -7.15 21.44 29.49
C ILE C 31 -7.30 21.65 30.99
N ASP C 32 -6.62 22.62 31.56
CA ASP C 32 -6.69 22.86 32.99
C ASP C 32 -7.52 24.08 33.26
N VAL C 33 -8.06 24.67 32.21
CA VAL C 33 -8.90 25.85 32.32
C VAL C 33 -10.31 25.35 32.62
N PRO C 34 -10.87 25.69 33.75
CA PRO C 34 -12.24 25.27 34.04
C PRO C 34 -13.27 25.87 33.08
N LEU C 35 -14.38 25.19 32.95
CA LEU C 35 -15.31 25.52 31.88
C LEU C 35 -15.82 26.95 31.98
N GLU C 36 -16.12 27.42 33.19
CA GLU C 36 -16.72 28.73 33.40
C GLU C 36 -15.94 29.94 32.88
N LYS C 37 -14.64 29.78 32.65
CA LYS C 37 -13.81 30.88 32.20
C LYS C 37 -13.28 30.71 30.77
N LEU C 38 -13.64 29.60 30.10
CA LEU C 38 -13.15 29.43 28.76
C LEU C 38 -13.62 30.57 27.90
N THR C 39 -12.71 31.15 27.13
CA THR C 39 -13.06 32.21 26.22
C THR C 39 -14.09 31.72 25.22
N VAL C 40 -14.67 32.66 24.47
CA VAL C 40 -15.63 32.26 23.45
C VAL C 40 -14.94 31.46 22.36
N GLU C 41 -13.75 31.90 21.95
CA GLU C 41 -12.97 31.20 20.94
C GLU C 41 -12.70 29.76 21.36
N ASP C 42 -12.24 29.57 22.61
CA ASP C 42 -12.00 28.24 23.13
C ASP C 42 -13.27 27.40 23.17
N LEU C 43 -14.39 28.01 23.54
CA LEU C 43 -15.64 27.28 23.64
C LEU C 43 -16.09 26.73 22.29
N CYS C 44 -16.12 27.58 21.27
CA CYS C 44 -16.50 27.10 19.94
C CYS C 44 -15.63 25.94 19.50
N ARG C 45 -14.32 26.06 19.69
CA ARG C 45 -13.41 25.08 19.14
C ARG C 45 -13.57 23.75 19.88
N ALA C 46 -13.76 23.79 21.19
CA ALA C 46 -13.96 22.57 21.95
C ALA C 46 -15.21 21.83 21.51
N ILE C 47 -16.25 22.58 21.13
CA ILE C 47 -17.46 21.96 20.58
C ILE C 47 -17.16 21.33 19.23
N ARG C 48 -16.66 22.12 18.28
CA ARG C 48 -16.22 21.64 16.97
C ARG C 48 -15.38 20.39 17.05
N GLN C 49 -14.52 20.31 18.05
CA GLN C 49 -13.61 19.18 18.21
C GLN C 49 -14.17 18.09 19.09
N ASN C 50 -15.45 18.18 19.45
CA ASN C 50 -16.16 17.07 20.10
C ASN C 50 -15.47 16.71 21.42
N LEU C 51 -15.28 17.70 22.27
CA LEU C 51 -14.57 17.54 23.53
C LEU C 51 -15.59 17.61 24.66
N CYS C 52 -16.09 16.45 25.08
CA CYS C 52 -17.15 16.35 26.08
C CYS C 52 -18.17 17.46 25.93
N ILE C 53 -18.89 17.49 24.81
CA ILE C 53 -19.84 18.57 24.59
C ILE C 53 -20.89 18.56 25.67
N ASP C 54 -21.18 17.38 26.23
CA ASP C 54 -22.18 17.21 27.27
C ASP C 54 -22.05 18.28 28.34
N GLN C 55 -20.91 18.32 29.01
CA GLN C 55 -20.67 19.23 30.10
C GLN C 55 -20.40 20.66 29.66
N LEU C 56 -20.35 20.94 28.37
CA LEU C 56 -20.15 22.31 27.92
C LEU C 56 -21.44 23.09 27.74
N MSE C 57 -22.56 22.42 27.57
CA MSE C 57 -23.84 23.08 27.36
C MSE C 57 -24.19 24.19 28.37
O MSE C 57 -24.56 25.29 27.95
CB MSE C 57 -24.96 22.02 27.33
CG MSE C 57 -24.82 21.01 26.20
SE MSE C 57 -24.84 21.79 24.41
CE MSE C 57 -22.95 21.96 24.08
N PRO C 58 -24.06 23.93 29.68
CA PRO C 58 -24.31 25.01 30.65
C PRO C 58 -23.56 26.29 30.34
N ARG C 59 -22.29 26.18 30.02
CA ARG C 59 -21.51 27.36 29.68
C ARG C 59 -22.01 28.01 28.41
N VAL C 60 -22.40 27.21 27.42
CA VAL C 60 -22.92 27.75 26.18
C VAL C 60 -24.24 28.46 26.45
N LEU C 61 -25.08 27.88 27.31
CA LEU C 61 -26.35 28.49 27.64
C LEU C 61 -26.20 29.88 28.21
N GLU C 62 -25.14 30.14 28.97
CA GLU C 62 -25.01 31.44 29.60
C GLU C 62 -24.35 32.45 28.65
N VAL C 63 -23.43 31.99 27.81
CA VAL C 63 -22.78 32.90 26.87
C VAL C 63 -23.77 33.46 25.87
N LEU C 64 -24.77 32.67 25.48
CA LEU C 64 -25.70 33.11 24.46
C LEU C 64 -26.78 34.03 25.03
N THR C 65 -27.25 33.77 26.24
CA THR C 65 -28.24 34.66 26.86
C THR C 65 -27.75 36.09 26.90
N LYS C 66 -26.47 36.29 27.19
CA LYS C 66 -25.92 37.64 27.23
C LYS C 66 -25.61 38.16 25.84
N GLU C 67 -25.46 37.27 24.87
CA GLU C 67 -25.05 37.64 23.52
C GLU C 67 -25.35 36.46 22.62
N PRO C 68 -26.49 36.49 21.92
CA PRO C 68 -26.91 35.31 21.17
C PRO C 68 -26.07 35.05 19.95
N LEU C 69 -25.38 36.04 19.42
CA LEU C 69 -24.46 35.80 18.31
C LEU C 69 -23.02 35.86 18.79
N ALA C 70 -22.73 35.22 19.90
CA ALA C 70 -21.36 35.17 20.39
C ALA C 70 -20.47 34.47 19.38
N GLY C 71 -19.27 34.99 19.20
CA GLY C 71 -18.31 34.36 18.34
C GLY C 71 -17.06 35.21 18.30
N GLU C 72 -15.96 34.56 17.95
CA GLU C 72 -14.66 35.20 17.80
C GLU C 72 -14.35 35.54 16.35
N TYR C 73 -14.43 34.54 15.47
CA TYR C 73 -14.09 34.74 14.07
C TYR C 73 -15.20 35.38 13.28
N TYR C 74 -16.44 35.24 13.74
CA TYR C 74 -17.59 35.85 13.11
C TYR C 74 -18.74 35.75 14.08
N ASP C 75 -19.74 36.59 13.87
CA ASP C 75 -20.93 36.56 14.70
C ASP C 75 -21.75 35.34 14.37
N GLY C 76 -22.24 34.66 15.40
CA GLY C 76 -22.94 33.41 15.21
C GLY C 76 -22.07 32.18 15.24
N GLU C 77 -20.79 32.31 15.54
CA GLU C 77 -19.87 31.18 15.48
C GLU C 77 -20.25 30.09 16.48
N LEU C 78 -20.72 30.49 17.66
CA LEU C 78 -21.10 29.51 18.66
C LEU C 78 -22.29 28.68 18.19
N ILE C 79 -23.28 29.31 17.57
CA ILE C 79 -24.38 28.57 16.98
C ILE C 79 -23.87 27.67 15.85
N ALA C 80 -22.93 28.17 15.06
CA ALA C 80 -22.32 27.35 14.02
C ALA C 80 -21.65 26.12 14.61
N ALA C 81 -20.90 26.29 15.71
CA ALA C 81 -20.27 25.14 16.35
C ALA C 81 -21.31 24.15 16.87
N LEU C 82 -22.36 24.66 17.51
CA LEU C 82 -23.41 23.79 18.05
C LEU C 82 -24.09 23.00 16.95
N SER C 83 -24.19 23.59 15.76
CA SER C 83 -24.68 22.89 14.59
C SER C 83 -23.99 21.56 14.33
N THR C 84 -22.80 21.35 14.89
CA THR C 84 -21.99 20.17 14.60
C THR C 84 -22.17 19.06 15.62
N ILE C 85 -23.02 19.28 16.63
CA ILE C 85 -23.21 18.32 17.71
C ILE C 85 -23.95 17.10 17.19
N LYS C 86 -23.53 15.91 17.65
CA LYS C 86 -24.29 14.68 17.47
C LYS C 86 -25.20 14.49 18.67
N GLY C 87 -26.50 14.30 18.42
CA GLY C 87 -27.46 14.28 19.51
C GLY C 87 -27.17 13.23 20.55
N GLU C 88 -26.62 12.09 20.11
CA GLU C 88 -26.36 10.96 20.99
C GLU C 88 -25.39 11.25 22.12
N ASP C 89 -24.58 12.29 22.03
CA ASP C 89 -23.61 12.59 23.08
C ASP C 89 -24.15 13.59 24.08
N LEU C 90 -25.42 13.96 23.95
CA LEU C 90 -26.16 14.70 24.96
C LEU C 90 -26.70 13.69 25.97
N LYS C 91 -25.87 13.35 26.96
CA LYS C 91 -26.24 12.35 27.95
C LYS C 91 -27.14 12.92 29.04
N ASP C 92 -26.54 13.67 29.97
CA ASP C 92 -27.28 14.20 31.11
C ASP C 92 -27.67 15.66 30.94
N GLN C 93 -27.22 16.28 29.85
CA GLN C 93 -27.53 17.67 29.60
C GLN C 93 -28.49 17.84 28.45
N LYS C 94 -29.05 16.72 27.96
CA LYS C 94 -30.15 16.68 27.00
C LYS C 94 -31.19 17.75 27.31
N SER C 95 -31.41 17.99 28.61
CA SER C 95 -32.35 19.03 29.02
C SER C 95 -31.79 20.42 28.79
N THR C 96 -30.51 20.63 29.07
CA THR C 96 -29.94 21.97 28.93
C THR C 96 -29.88 22.38 27.46
N PHE C 97 -29.69 21.43 26.57
CA PHE C 97 -29.68 21.71 25.14
C PHE C 97 -30.99 22.34 24.68
N THR C 98 -32.12 21.68 24.95
CA THR C 98 -33.42 22.22 24.55
C THR C 98 -33.65 23.62 25.10
N GLN C 99 -33.13 23.92 26.28
CA GLN C 99 -33.19 25.29 26.76
C GLN C 99 -32.48 26.24 25.80
N ILE C 100 -31.34 25.79 25.25
CA ILE C 100 -30.61 26.59 24.27
C ILE C 100 -31.40 26.74 22.97
N ARG C 101 -31.90 25.61 22.44
CA ARG C 101 -32.67 25.64 21.20
C ARG C 101 -33.78 26.68 21.26
N GLN C 102 -34.43 26.81 22.41
CA GLN C 102 -35.47 27.82 22.57
C GLN C 102 -34.92 29.22 22.31
N LEU C 103 -33.85 29.60 22.99
CA LEU C 103 -33.29 30.94 22.76
C LEU C 103 -32.97 31.14 21.28
N ILE C 104 -32.50 30.08 20.61
CA ILE C 104 -32.05 30.16 19.23
C ILE C 104 -33.22 30.25 18.26
N ASN C 105 -34.33 29.62 18.57
CA ASN C 105 -35.45 29.66 17.66
C ASN C 105 -36.25 30.96 17.72
N GLN C 106 -35.74 32.01 18.38
CA GLN C 106 -36.38 33.32 18.48
C GLN C 106 -35.44 34.43 18.01
N LEU C 107 -35.22 34.56 16.70
CA LEU C 107 -34.34 35.63 16.24
C LEU C 107 -34.79 36.17 14.89
N GLU C 108 -34.23 37.33 14.54
CA GLU C 108 -34.53 38.02 13.30
C GLU C 108 -33.37 38.01 12.31
N PRO C 109 -32.12 38.47 12.69
CA PRO C 109 -31.10 38.68 11.64
C PRO C 109 -30.14 37.52 11.48
N SER C 110 -30.16 36.89 10.31
CA SER C 110 -29.29 35.75 10.06
C SER C 110 -29.20 35.51 8.56
N ASP C 111 -28.33 34.60 8.15
CA ASP C 111 -28.11 34.35 6.74
C ASP C 111 -27.69 32.89 6.56
N ILE C 112 -26.49 32.67 6.02
CA ILE C 112 -25.99 31.30 5.96
C ILE C 112 -26.01 30.60 7.31
N ASN C 113 -26.23 31.36 8.38
CA ASN C 113 -26.53 30.84 9.71
C ASN C 113 -27.90 30.15 9.78
N ASP C 114 -28.86 30.55 8.94
CA ASP C 114 -30.21 29.98 9.03
C ASP C 114 -30.22 28.48 8.81
N ASP C 115 -29.33 27.97 7.95
CA ASP C 115 -29.28 26.52 7.78
C ASP C 115 -28.67 25.86 9.01
N LEU C 116 -27.70 26.51 9.64
CA LEU C 116 -27.17 25.95 10.88
C LEU C 116 -28.26 25.86 11.92
N ARG C 117 -29.02 26.93 12.08
CA ARG C 117 -30.14 26.89 13.02
C ARG C 117 -31.12 25.79 12.64
N LYS C 118 -31.26 25.50 11.35
CA LYS C 118 -32.07 24.36 10.95
C LYS C 118 -31.39 23.05 11.31
N ASP C 119 -30.08 22.97 11.09
CA ASP C 119 -29.36 21.75 11.37
C ASP C 119 -29.35 21.44 12.87
N ILE C 120 -29.38 22.49 13.71
CA ILE C 120 -29.46 22.28 15.14
C ILE C 120 -30.76 21.58 15.50
N LEU C 121 -31.83 21.89 14.79
CA LEU C 121 -33.12 21.34 15.15
C LEU C 121 -33.36 19.95 14.59
N LYS C 122 -32.47 19.41 13.77
CA LYS C 122 -32.63 18.03 13.32
C LYS C 122 -31.76 17.05 14.07
N ILE C 123 -31.16 17.45 15.19
CA ILE C 123 -30.45 16.53 16.08
C ILE C 123 -31.32 16.32 17.32
N ASN C 124 -31.49 15.05 17.69
CA ASN C 124 -32.22 14.72 18.91
C ASN C 124 -31.46 13.75 19.83
N GLY D 2 -23.47 -7.49 -23.92
CA GLY D 2 -22.10 -7.24 -23.50
C GLY D 2 -21.69 -8.16 -22.38
N LYS D 3 -21.06 -7.60 -21.35
CA LYS D 3 -20.66 -8.38 -20.18
C LYS D 3 -20.90 -7.57 -18.92
N ILE D 4 -21.81 -8.03 -18.08
CA ILE D 4 -22.00 -7.53 -16.72
C ILE D 4 -21.74 -8.70 -15.79
N PHE D 5 -20.77 -8.53 -14.90
CA PHE D 5 -20.42 -9.61 -13.98
C PHE D 5 -21.35 -9.58 -12.78
N GLU D 6 -21.73 -10.75 -12.30
CA GLU D 6 -22.67 -10.81 -11.19
C GLU D 6 -22.02 -10.50 -9.86
N ASP D 7 -20.72 -10.74 -9.73
CA ASP D 7 -20.00 -10.25 -8.55
C ASP D 7 -18.53 -10.16 -8.91
N ASN D 8 -17.73 -9.65 -7.97
CA ASN D 8 -16.33 -9.39 -8.26
C ASN D 8 -15.53 -10.66 -8.45
N SER D 9 -15.96 -11.78 -7.88
CA SER D 9 -15.19 -13.00 -8.03
C SER D 9 -15.23 -13.51 -9.46
N LEU D 10 -16.22 -13.12 -10.25
CA LEU D 10 -16.29 -13.61 -11.61
C LEU D 10 -15.45 -12.80 -12.58
N THR D 11 -14.81 -11.74 -12.12
CA THR D 11 -13.95 -10.89 -12.93
C THR D 11 -12.51 -11.37 -12.98
N ILE D 12 -12.22 -12.56 -12.46
CA ILE D 12 -10.86 -13.04 -12.40
C ILE D 12 -10.35 -13.30 -13.80
N GLY D 13 -9.04 -13.08 -13.99
CA GLY D 13 -8.36 -13.57 -15.17
C GLY D 13 -8.38 -12.62 -16.36
N HIS D 14 -8.08 -13.19 -17.52
CA HIS D 14 -7.87 -12.43 -18.76
C HIS D 14 -6.87 -11.31 -18.52
N THR D 15 -5.82 -11.65 -17.80
CA THR D 15 -4.73 -10.74 -17.47
C THR D 15 -3.84 -10.54 -18.69
N PRO D 16 -3.25 -9.36 -18.85
CA PRO D 16 -2.51 -9.06 -20.07
C PRO D 16 -1.17 -9.77 -20.14
N LEU D 17 -0.73 -10.02 -21.38
CA LEU D 17 0.58 -10.57 -21.68
C LEU D 17 1.40 -9.47 -22.34
N VAL D 18 2.41 -8.98 -21.64
CA VAL D 18 3.17 -7.80 -22.02
C VAL D 18 4.58 -8.23 -22.37
N ARG D 19 5.10 -7.70 -23.49
CA ARG D 19 6.46 -7.95 -23.89
C ARG D 19 7.40 -7.06 -23.10
N LEU D 20 8.46 -7.65 -22.57
CA LEU D 20 9.51 -6.91 -21.90
C LEU D 20 10.51 -6.43 -22.94
N ASN D 21 10.68 -5.12 -23.05
CA ASN D 21 11.50 -4.53 -24.09
C ASN D 21 12.93 -4.27 -23.62
N ARG D 22 13.11 -3.77 -22.41
CA ARG D 22 14.44 -3.45 -21.91
C ARG D 22 15.03 -4.54 -21.03
N ILE D 23 14.26 -5.52 -20.60
CA ILE D 23 14.75 -6.62 -19.79
C ILE D 23 14.71 -7.86 -20.65
N GLY D 24 15.87 -8.47 -20.85
CA GLY D 24 16.02 -9.57 -21.77
C GLY D 24 16.21 -9.08 -23.18
N ASN D 25 16.06 -10.00 -24.12
CA ASN D 25 16.34 -9.71 -25.51
C ASN D 25 15.11 -9.25 -26.28
N GLY D 26 13.98 -9.06 -25.59
CA GLY D 26 12.74 -8.68 -26.21
C GLY D 26 11.79 -9.83 -26.41
N ARG D 27 12.13 -11.02 -25.92
CA ARG D 27 11.32 -12.19 -26.12
C ARG D 27 10.71 -12.75 -24.84
N ILE D 28 10.90 -12.06 -23.72
CA ILE D 28 10.24 -12.39 -22.47
C ILE D 28 8.88 -11.73 -22.48
N LEU D 29 7.84 -12.54 -22.28
CA LEU D 29 6.46 -12.08 -22.22
C LEU D 29 6.00 -12.27 -20.79
N ALA D 30 5.63 -11.17 -20.16
CA ALA D 30 5.26 -11.18 -18.75
C ALA D 30 3.75 -11.15 -18.62
N LYS D 31 3.19 -12.12 -17.90
CA LYS D 31 1.75 -12.18 -17.64
C LYS D 31 1.47 -11.53 -16.30
N VAL D 32 0.78 -10.40 -16.33
CA VAL D 32 0.69 -9.49 -15.17
C VAL D 32 -0.55 -9.88 -14.37
N GLU D 33 -0.36 -10.70 -13.34
CA GLU D 33 -1.47 -11.20 -12.57
C GLU D 33 -1.90 -10.27 -11.45
N SER D 34 -1.31 -9.10 -11.34
CA SER D 34 -1.88 -8.13 -10.44
C SER D 34 -3.10 -7.46 -11.05
N ARG D 35 -3.41 -7.77 -12.31
CA ARG D 35 -4.60 -7.30 -13.00
C ARG D 35 -5.73 -8.30 -12.74
N ASN D 36 -6.18 -8.30 -11.50
CA ASN D 36 -7.09 -9.27 -10.92
C ASN D 36 -7.86 -8.56 -9.83
N PRO D 37 -9.03 -9.08 -9.44
CA PRO D 37 -9.89 -8.34 -8.51
C PRO D 37 -9.24 -7.92 -7.19
N SER D 38 -8.40 -8.72 -6.57
CA SER D 38 -7.66 -8.28 -5.39
C SER D 38 -6.14 -8.24 -5.65
N PHE D 39 -5.74 -8.23 -6.92
CA PHE D 39 -4.45 -7.75 -7.37
C PHE D 39 -3.31 -8.72 -7.15
N SER D 40 -3.61 -10.01 -7.25
CA SER D 40 -2.61 -11.05 -7.27
C SER D 40 -3.16 -12.24 -8.01
N VAL D 41 -2.27 -13.16 -8.38
CA VAL D 41 -2.66 -14.39 -9.03
C VAL D 41 -3.56 -15.23 -8.11
N1 LLP D 42 4.15 -15.19 -5.59
C2 LLP D 42 3.15 -14.61 -5.01
C2' LLP D 42 3.28 -13.16 -4.59
C3 LLP D 42 1.97 -15.36 -4.77
O3 LLP D 42 0.85 -14.69 -4.11
C4 LLP D 42 1.90 -16.69 -5.15
C4' LLP D 42 0.61 -17.57 -4.94
C5 LLP D 42 2.99 -17.28 -5.79
C6 LLP D 42 4.12 -16.47 -5.99
C5' LLP D 42 3.00 -18.73 -6.26
OP4 LLP D 42 1.88 -19.21 -7.05
P LLP D 42 1.36 -20.77 -6.92
OP1 LLP D 42 0.24 -20.97 -7.86
OP2 LLP D 42 2.40 -21.76 -7.27
OP3 LLP D 42 0.90 -21.03 -5.57
N LLP D 42 -3.47 -15.01 -6.81
CA LLP D 42 -4.22 -15.83 -5.86
CB LLP D 42 -3.79 -15.57 -4.41
CG LLP D 42 -2.38 -16.16 -4.09
CD LLP D 42 -2.22 -17.64 -4.50
CE LLP D 42 -1.21 -18.42 -3.70
NZ LLP D 42 0.03 -17.66 -3.57
C LLP D 42 -5.72 -15.58 -5.99
O LLP D 42 -6.46 -16.34 -5.49
N CYS D 43 -6.10 -14.49 -6.64
CA CYS D 43 -7.53 -14.18 -6.88
C CYS D 43 -8.22 -15.31 -7.58
N ARG D 44 -7.50 -15.97 -8.47
CA ARG D 44 -8.06 -17.06 -9.23
C ARG D 44 -8.42 -18.24 -8.34
N ILE D 45 -7.52 -18.61 -7.43
CA ILE D 45 -7.83 -19.76 -6.61
C ILE D 45 -8.76 -19.38 -5.46
N GLY D 46 -8.74 -18.13 -5.01
CA GLY D 46 -9.72 -17.72 -4.03
C GLY D 46 -11.13 -17.89 -4.56
N ALA D 47 -11.34 -17.53 -5.81
CA ALA D 47 -12.65 -17.69 -6.42
C ALA D 47 -13.00 -19.16 -6.55
N ASN D 48 -12.18 -19.92 -7.29
CA ASN D 48 -12.56 -21.27 -7.67
C ASN D 48 -12.54 -22.24 -6.49
N MET D 49 -11.72 -21.99 -5.49
CA MET D 49 -11.73 -22.89 -4.34
C MET D 49 -13.06 -22.79 -3.60
N ILE D 50 -13.67 -21.60 -3.65
CA ILE D 50 -14.99 -21.39 -3.07
C ILE D 50 -16.10 -21.83 -4.02
N TRP D 51 -15.98 -21.51 -5.31
CA TRP D 51 -16.89 -22.04 -6.33
C TRP D 51 -16.98 -23.56 -6.27
N ASP D 52 -15.82 -24.22 -6.24
CA ASP D 52 -15.75 -25.68 -6.14
C ASP D 52 -16.47 -26.20 -4.91
N ALA D 53 -16.33 -25.50 -3.79
CA ALA D 53 -17.00 -25.94 -2.56
C ALA D 53 -18.50 -25.81 -2.70
N GLU D 54 -18.97 -24.75 -3.35
CA GLU D 54 -20.39 -24.60 -3.62
C GLU D 54 -20.91 -25.75 -4.47
N LYS D 55 -20.21 -26.04 -5.56
CA LYS D 55 -20.59 -27.14 -6.44
C LYS D 55 -20.59 -28.48 -5.73
N ARG D 56 -19.65 -28.70 -4.80
CA ARG D 56 -19.58 -29.95 -4.06
C ARG D 56 -20.68 -30.08 -3.00
N GLY D 57 -21.54 -29.07 -2.84
CA GLY D 57 -22.57 -29.12 -1.82
C GLY D 57 -22.05 -28.91 -0.42
N VAL D 58 -20.74 -28.87 -0.23
CA VAL D 58 -20.16 -28.77 1.10
C VAL D 58 -20.45 -27.42 1.75
N LEU D 59 -20.51 -26.35 0.97
CA LEU D 59 -20.76 -25.03 1.50
C LEU D 59 -22.23 -24.70 1.31
N LYS D 60 -22.94 -24.58 2.41
CA LYS D 60 -24.38 -24.44 2.42
C LYS D 60 -24.68 -23.40 3.50
N PRO D 61 -25.92 -22.99 3.70
CA PRO D 61 -26.20 -22.00 4.73
C PRO D 61 -25.62 -22.39 6.09
N GLY D 62 -24.96 -21.41 6.72
CA GLY D 62 -24.38 -21.60 8.02
C GLY D 62 -22.94 -22.02 8.03
N VAL D 63 -22.44 -22.60 6.95
CA VAL D 63 -21.05 -23.06 6.92
C VAL D 63 -20.13 -21.87 6.73
N GLU D 64 -19.07 -21.79 7.54
CA GLU D 64 -18.10 -20.71 7.47
C GLU D 64 -16.76 -21.22 6.98
N LEU D 65 -15.97 -20.32 6.42
CA LEU D 65 -14.69 -20.68 5.84
C LEU D 65 -13.55 -20.40 6.81
N VAL D 66 -12.53 -21.24 6.75
CA VAL D 66 -11.33 -21.08 7.57
C VAL D 66 -10.13 -21.48 6.73
N GLU D 67 -9.11 -20.64 6.71
CA GLU D 67 -7.84 -21.00 6.11
C GLU D 67 -6.75 -20.30 6.89
N PRO D 68 -5.59 -20.97 7.15
CA PRO D 68 -4.41 -20.27 7.64
C PRO D 68 -3.56 -19.72 6.50
N THR D 69 -3.24 -18.43 6.53
CA THR D 69 -2.44 -17.86 5.46
C THR D 69 -1.96 -16.47 5.88
N SER D 70 -0.68 -16.18 5.60
CA SER D 70 -0.11 -14.86 5.78
C SER D 70 0.13 -14.16 4.44
N GLY D 71 -0.32 -14.73 3.35
CA GLY D 71 -0.03 -14.12 2.07
C GLY D 71 -1.25 -13.74 1.26
N ASN D 72 -1.08 -13.68 -0.05
CA ASN D 72 -2.14 -13.18 -0.93
C ASN D 72 -3.36 -14.09 -0.95
N THR D 73 -3.23 -15.34 -0.53
CA THR D 73 -4.38 -16.23 -0.50
C THR D 73 -5.43 -15.70 0.47
N GLY D 74 -4.98 -15.16 1.61
CA GLY D 74 -5.92 -14.58 2.56
C GLY D 74 -6.69 -13.42 1.97
N ILE D 75 -6.01 -12.57 1.21
CA ILE D 75 -6.67 -11.45 0.55
C ILE D 75 -7.65 -11.92 -0.50
N ALA D 76 -7.28 -12.95 -1.26
CA ALA D 76 -8.16 -13.45 -2.30
C ALA D 76 -9.40 -14.12 -1.70
N LEU D 77 -9.22 -14.92 -0.65
CA LEU D 77 -10.38 -15.51 0.01
C LEU D 77 -11.24 -14.43 0.63
N ALA D 78 -10.63 -13.35 1.13
CA ALA D 78 -11.37 -12.29 1.79
C ALA D 78 -12.33 -11.59 0.83
N TYR D 79 -11.84 -11.20 -0.35
CA TYR D 79 -12.74 -10.45 -1.23
C TYR D 79 -13.80 -11.37 -1.83
N VAL D 80 -13.51 -12.65 -2.04
CA VAL D 80 -14.52 -13.53 -2.61
C VAL D 80 -15.62 -13.79 -1.59
N ALA D 81 -15.23 -14.09 -0.35
CA ALA D 81 -16.25 -14.33 0.67
C ALA D 81 -17.13 -13.11 0.87
N ALA D 82 -16.54 -11.93 0.82
CA ALA D 82 -17.35 -10.72 0.94
C ALA D 82 -18.28 -10.58 -0.25
N ALA D 83 -17.81 -10.93 -1.44
CA ALA D 83 -18.59 -10.73 -2.65
C ALA D 83 -19.79 -11.65 -2.70
N ARG D 84 -19.66 -12.85 -2.14
CA ARG D 84 -20.66 -13.90 -2.24
C ARG D 84 -21.31 -14.23 -0.90
N GLY D 85 -21.09 -13.41 0.12
CA GLY D 85 -21.80 -13.51 1.37
C GLY D 85 -21.42 -14.65 2.28
N TYR D 86 -20.14 -14.95 2.41
CA TYR D 86 -19.69 -15.98 3.34
C TYR D 86 -18.92 -15.36 4.50
N LYS D 87 -19.01 -15.99 5.65
CA LYS D 87 -18.21 -15.60 6.80
C LYS D 87 -16.86 -16.32 6.74
N LEU D 88 -15.77 -15.56 6.85
CA LEU D 88 -14.43 -16.09 6.70
C LEU D 88 -13.60 -15.83 7.95
N THR D 89 -12.85 -16.84 8.38
CA THR D 89 -11.88 -16.70 9.46
C THR D 89 -10.50 -17.05 8.92
N LEU D 90 -9.56 -16.14 9.08
CA LEU D 90 -8.19 -16.34 8.69
C LEU D 90 -7.32 -16.45 9.93
N THR D 91 -6.45 -17.45 9.99
CA THR D 91 -5.48 -17.57 11.08
C THR D 91 -4.09 -17.33 10.52
N MET D 92 -3.27 -16.59 11.27
CA MET D 92 -1.94 -16.16 10.85
C MET D 92 -1.13 -15.82 12.08
N PRO D 93 0.20 -15.88 12.01
CA PRO D 93 1.03 -15.43 13.12
C PRO D 93 0.87 -13.94 13.39
N GLU D 94 1.05 -13.57 14.64
CA GLU D 94 0.86 -12.17 15.01
C GLU D 94 1.91 -11.23 14.46
N THR D 95 2.88 -11.73 13.69
CA THR D 95 3.85 -10.91 12.99
C THR D 95 3.24 -10.10 11.87
N MET D 96 2.02 -10.40 11.46
CA MET D 96 1.41 -9.67 10.36
C MET D 96 1.19 -8.22 10.76
N SER D 97 1.47 -7.31 9.83
CA SER D 97 1.47 -5.89 10.15
C SER D 97 0.05 -5.38 10.36
N ILE D 98 -0.04 -4.23 11.04
CA ILE D 98 -1.31 -3.57 11.27
C ILE D 98 -2.02 -3.29 9.96
N GLU D 99 -1.30 -2.78 8.98
CA GLU D 99 -1.93 -2.43 7.71
C GLU D 99 -2.47 -3.66 7.00
N ARG D 100 -1.81 -4.81 7.09
CA ARG D 100 -2.40 -5.97 6.46
C ARG D 100 -3.65 -6.44 7.21
N ARG D 101 -3.64 -6.36 8.54
CA ARG D 101 -4.84 -6.68 9.31
C ARG D 101 -5.99 -5.78 8.91
N LYS D 102 -5.72 -4.49 8.76
CA LYS D 102 -6.76 -3.57 8.31
C LYS D 102 -7.30 -3.97 6.95
N LEU D 103 -6.42 -4.35 6.01
CA LEU D 103 -6.88 -4.70 4.68
C LEU D 103 -7.82 -5.89 4.71
N LEU D 104 -7.53 -6.87 5.55
CA LEU D 104 -8.40 -8.04 5.67
C LEU D 104 -9.70 -7.70 6.39
N LYS D 105 -9.63 -6.91 7.45
CA LYS D 105 -10.86 -6.57 8.16
C LYS D 105 -11.83 -5.81 7.26
N ALA D 106 -11.31 -4.88 6.44
CA ALA D 106 -12.16 -4.09 5.55
C ALA D 106 -12.93 -4.96 4.57
N LEU D 107 -12.36 -6.08 4.17
CA LEU D 107 -13.02 -7.06 3.33
C LEU D 107 -13.88 -8.02 4.13
N GLY D 108 -14.08 -7.76 5.42
CA GLY D 108 -15.00 -8.51 6.23
C GLY D 108 -14.47 -9.79 6.86
N ALA D 109 -13.20 -10.07 6.72
CA ALA D 109 -12.67 -11.30 7.27
C ALA D 109 -12.50 -11.17 8.78
N ASN D 110 -12.67 -12.29 9.47
CA ASN D 110 -12.40 -12.38 10.90
C ASN D 110 -10.98 -12.90 11.08
N LEU D 111 -10.21 -12.26 11.95
CA LEU D 111 -8.80 -12.58 12.08
C LEU D 111 -8.49 -13.23 13.42
N VAL D 112 -7.66 -14.26 13.38
CA VAL D 112 -7.20 -14.94 14.57
C VAL D 112 -5.68 -14.95 14.51
N LEU D 113 -5.03 -14.24 15.42
CA LEU D 113 -3.57 -14.09 15.43
C LEU D 113 -2.93 -15.08 16.37
N THR D 114 -1.96 -15.82 15.89
CA THR D 114 -1.37 -16.84 16.73
C THR D 114 0.04 -16.42 17.12
N GLU D 115 0.57 -17.17 18.08
CA GLU D 115 1.77 -16.79 18.78
C GLU D 115 2.95 -16.78 17.80
N GLY D 116 3.68 -15.67 17.77
CA GLY D 116 4.55 -15.40 16.64
C GLY D 116 5.64 -16.44 16.45
N ALA D 117 6.29 -16.83 17.55
CA ALA D 117 7.40 -17.77 17.45
C ALA D 117 6.96 -19.14 16.96
N LYS D 118 5.67 -19.48 17.08
CA LYS D 118 5.21 -20.71 16.45
C LYS D 118 5.09 -20.57 14.94
N GLY D 119 5.13 -19.35 14.43
CA GLY D 119 5.13 -19.15 13.00
C GLY D 119 3.91 -19.76 12.34
N MET D 120 4.14 -20.32 11.16
CA MET D 120 3.03 -20.77 10.32
C MET D 120 2.41 -22.07 10.84
N LYS D 121 3.17 -22.91 11.51
CA LYS D 121 2.57 -24.12 12.07
C LYS D 121 1.55 -23.78 13.14
N GLY D 122 1.86 -22.79 13.97
CA GLY D 122 0.92 -22.35 14.96
C GLY D 122 -0.37 -21.82 14.37
N ALA D 123 -0.27 -21.18 13.21
CA ALA D 123 -1.47 -20.69 12.52
C ALA D 123 -2.26 -21.84 11.91
N ILE D 124 -1.56 -22.86 11.41
CA ILE D 124 -2.24 -24.03 10.88
C ILE D 124 -2.92 -24.80 12.00
N GLN D 125 -2.25 -25.00 13.12
CA GLN D 125 -2.84 -25.72 14.23
C GLN D 125 -4.11 -25.04 14.70
N LYS D 126 -4.07 -23.71 14.86
CA LYS D 126 -5.25 -23.01 15.33
C LYS D 126 -6.41 -23.13 14.36
N ALA D 127 -6.13 -23.10 13.05
CA ALA D 127 -7.19 -23.31 12.07
C ALA D 127 -7.77 -24.71 12.19
N GLU D 128 -6.94 -25.71 12.46
CA GLU D 128 -7.42 -27.08 12.59
C GLU D 128 -8.21 -27.27 13.88
N GLU D 129 -7.86 -26.56 14.94
CA GLU D 129 -8.61 -26.63 16.19
C GLU D 129 -9.93 -25.89 16.10
N ILE D 130 -9.98 -24.80 15.34
CA ILE D 130 -11.24 -24.10 15.11
C ILE D 130 -12.21 -25.00 14.36
N VAL D 131 -11.73 -25.65 13.30
CA VAL D 131 -12.59 -26.55 12.54
C VAL D 131 -12.99 -27.75 13.39
N ALA D 132 -12.09 -28.22 14.25
CA ALA D 132 -12.41 -29.39 15.06
C ALA D 132 -13.47 -29.08 16.10
N SER D 133 -13.60 -27.83 16.52
CA SER D 133 -14.56 -27.49 17.55
C SER D 133 -15.99 -27.60 17.06
N ASN D 134 -16.21 -27.53 15.75
CA ASN D 134 -17.52 -27.73 15.18
C ASN D 134 -17.37 -28.07 13.69
N PRO D 135 -17.01 -29.32 13.36
CA PRO D 135 -16.72 -29.65 11.96
C PRO D 135 -17.87 -29.45 11.00
N GLU D 136 -19.10 -29.42 11.49
CA GLU D 136 -20.24 -29.21 10.62
C GLU D 136 -20.35 -27.75 10.23
N LYS D 137 -19.87 -26.85 11.08
CA LYS D 137 -19.95 -25.41 10.81
C LYS D 137 -18.81 -24.90 9.95
N TYR D 138 -17.61 -25.46 10.08
CA TYR D 138 -16.42 -24.89 9.46
C TYR D 138 -15.90 -25.75 8.31
N LEU D 139 -15.33 -25.07 7.32
CA LEU D 139 -14.74 -25.71 6.16
C LEU D 139 -13.37 -25.14 5.89
N LEU D 140 -12.40 -26.02 5.70
CA LEU D 140 -11.00 -25.68 5.54
C LEU D 140 -10.65 -25.73 4.06
N LEU D 141 -10.09 -24.64 3.53
CA LEU D 141 -9.87 -24.59 2.08
C LEU D 141 -8.67 -25.41 1.62
N GLN D 142 -7.57 -25.39 2.36
CA GLN D 142 -6.38 -26.20 2.12
C GLN D 142 -5.75 -25.91 0.74
N GLN D 143 -5.22 -24.69 0.62
CA GLN D 143 -4.71 -24.23 -0.67
C GLN D 143 -3.58 -25.11 -1.20
N PHE D 144 -2.81 -25.74 -0.33
CA PHE D 144 -1.64 -26.47 -0.81
C PHE D 144 -2.03 -27.81 -1.39
N SER D 145 -3.16 -28.36 -0.95
CA SER D 145 -3.62 -29.65 -1.42
C SER D 145 -4.93 -29.59 -2.21
N ASN D 146 -5.73 -28.53 -2.06
CA ASN D 146 -7.01 -28.46 -2.76
C ASN D 146 -6.82 -28.49 -4.26
N PRO D 147 -7.26 -29.55 -4.94
CA PRO D 147 -7.11 -29.61 -6.40
C PRO D 147 -7.92 -28.58 -7.17
N ALA D 148 -8.82 -27.85 -6.53
CA ALA D 148 -9.46 -26.71 -7.17
C ALA D 148 -8.46 -25.61 -7.46
N ASN D 149 -7.30 -25.66 -6.80
CA ASN D 149 -6.21 -24.74 -7.00
C ASN D 149 -5.64 -24.87 -8.42
N PRO D 150 -5.01 -25.98 -8.81
CA PRO D 150 -4.52 -26.04 -10.19
C PRO D 150 -5.64 -26.13 -11.22
N GLU D 151 -6.83 -26.55 -10.83
CA GLU D 151 -7.92 -26.65 -11.79
C GLU D 151 -8.22 -25.33 -12.46
N ILE D 152 -8.25 -24.25 -11.69
CA ILE D 152 -8.61 -22.96 -12.26
C ILE D 152 -7.53 -22.45 -13.20
N HIS D 153 -6.28 -22.82 -12.96
CA HIS D 153 -5.21 -22.48 -13.87
C HIS D 153 -5.24 -23.34 -15.11
N GLU D 154 -5.81 -24.54 -15.00
CA GLU D 154 -6.01 -25.37 -16.17
C GLU D 154 -7.17 -24.83 -17.00
N LYS D 155 -8.17 -24.22 -16.34
CA LYS D 155 -9.31 -23.69 -17.06
C LYS D 155 -9.21 -22.23 -17.46
N THR D 156 -8.36 -21.44 -16.82
CA THR D 156 -8.25 -20.02 -17.16
C THR D 156 -6.82 -19.62 -17.56
N THR D 157 -5.85 -19.67 -16.65
CA THR D 157 -4.52 -19.14 -16.91
C THR D 157 -3.88 -19.81 -18.12
N GLY D 158 -3.89 -21.14 -18.16
CA GLY D 158 -3.38 -21.91 -19.27
C GLY D 158 -4.01 -21.52 -20.59
N PRO D 159 -5.33 -21.63 -20.71
CA PRO D 159 -6.00 -21.20 -21.95
C PRO D 159 -5.64 -19.80 -22.41
N GLU D 160 -5.49 -18.85 -21.49
CA GLU D 160 -5.10 -17.49 -21.88
C GLU D 160 -3.70 -17.45 -22.47
N ILE D 161 -2.77 -18.20 -21.90
CA ILE D 161 -1.42 -18.22 -22.43
C ILE D 161 -1.41 -18.79 -23.84
N TRP D 162 -2.12 -19.89 -24.03
CA TRP D 162 -2.20 -20.53 -25.33
C TRP D 162 -2.72 -19.57 -26.38
N GLU D 163 -3.87 -18.96 -26.12
CA GLU D 163 -4.49 -18.09 -27.11
C GLU D 163 -3.67 -16.84 -27.39
N ASP D 164 -3.18 -16.16 -26.35
CA ASP D 164 -2.48 -14.90 -26.59
C ASP D 164 -1.22 -15.09 -27.42
N THR D 165 -0.62 -16.26 -27.32
CA THR D 165 0.61 -16.59 -28.06
C THR D 165 0.36 -17.33 -29.36
N ASP D 166 -0.90 -17.57 -29.73
CA ASP D 166 -1.24 -18.41 -30.87
C ASP D 166 -0.53 -19.76 -30.81
N GLY D 167 -0.48 -20.34 -29.61
CA GLY D 167 0.15 -21.63 -29.41
C GLY D 167 1.66 -21.63 -29.51
N GLN D 168 2.30 -20.48 -29.64
CA GLN D 168 3.75 -20.42 -29.85
C GLN D 168 4.53 -20.23 -28.58
N VAL D 169 3.91 -20.42 -27.41
CA VAL D 169 4.68 -20.42 -26.18
C VAL D 169 5.62 -21.62 -26.20
N ASP D 170 6.87 -21.36 -25.85
CA ASP D 170 7.88 -22.42 -25.83
C ASP D 170 8.32 -22.78 -24.43
N VAL D 171 8.53 -21.80 -23.56
CA VAL D 171 8.88 -22.00 -22.17
C VAL D 171 7.83 -21.32 -21.30
N PHE D 172 7.44 -21.98 -20.22
CA PHE D 172 6.56 -21.39 -19.23
C PHE D 172 7.27 -21.37 -17.89
N ILE D 173 7.46 -20.18 -17.31
CA ILE D 173 8.24 -19.99 -16.09
C ILE D 173 7.33 -19.48 -15.00
N ALA D 174 7.29 -20.19 -13.88
CA ALA D 174 6.37 -19.83 -12.83
C ALA D 174 7.01 -20.10 -11.48
N GLY D 175 7.06 -19.07 -10.64
CA GLY D 175 7.44 -19.28 -9.28
C GLY D 175 6.42 -20.19 -8.60
N VAL D 176 6.91 -21.00 -7.70
CA VAL D 176 6.10 -22.06 -7.12
C VAL D 176 5.85 -21.73 -5.66
N GLY D 177 4.61 -21.40 -5.34
CA GLY D 177 4.17 -21.29 -3.97
C GLY D 177 3.41 -22.53 -3.57
N THR D 178 2.19 -22.68 -4.07
CA THR D 178 1.41 -23.92 -3.88
C THR D 178 1.64 -24.92 -5.00
N GLY D 179 2.17 -24.48 -6.13
CA GLY D 179 2.35 -25.31 -7.30
C GLY D 179 1.18 -25.27 -8.27
N GLY D 180 0.06 -24.67 -7.87
CA GLY D 180 -1.12 -24.72 -8.70
C GLY D 180 -0.92 -24.07 -10.05
N THR D 181 -0.30 -22.89 -10.07
CA THR D 181 -0.09 -22.21 -11.35
C THR D 181 0.70 -23.07 -12.32
N LEU D 182 1.91 -23.48 -11.94
CA LEU D 182 2.74 -24.27 -12.83
C LEU D 182 2.03 -25.56 -13.24
N THR D 183 1.42 -26.25 -12.28
CA THR D 183 0.78 -27.52 -12.57
C THR D 183 -0.39 -27.33 -13.53
N GLY D 184 -1.28 -26.39 -13.24
CA GLY D 184 -2.44 -26.21 -14.08
C GLY D 184 -2.10 -25.73 -15.48
N VAL D 185 -1.21 -24.75 -15.59
CA VAL D 185 -0.84 -24.24 -16.91
C VAL D 185 -0.16 -25.33 -17.73
N SER D 186 0.81 -26.01 -17.12
CA SER D 186 1.48 -27.09 -17.80
C SER D 186 0.49 -28.16 -18.21
N ARG D 187 -0.42 -28.50 -17.30
CA ARG D 187 -1.38 -29.57 -17.55
C ARG D 187 -2.27 -29.26 -18.74
N TYR D 188 -2.63 -27.99 -18.94
CA TYR D 188 -3.46 -27.63 -20.08
C TYR D 188 -2.68 -27.70 -21.37
N ILE D 189 -1.51 -27.08 -21.40
CA ILE D 189 -0.78 -26.94 -22.65
C ILE D 189 -0.17 -28.27 -23.07
N LYS D 190 0.39 -29.01 -22.12
CA LYS D 190 1.01 -30.29 -22.47
C LYS D 190 -0.03 -31.38 -22.65
N GLY D 191 -1.03 -31.44 -21.79
CA GLY D 191 -2.07 -32.43 -21.94
C GLY D 191 -3.14 -32.05 -22.95
N THR D 192 -3.87 -30.99 -22.66
CA THR D 192 -5.07 -30.68 -23.42
C THR D 192 -4.76 -30.29 -24.85
N LYS D 193 -3.71 -29.51 -25.08
CA LYS D 193 -3.31 -29.14 -26.44
C LYS D 193 -2.17 -29.99 -26.96
N GLY D 194 -1.66 -30.90 -26.14
CA GLY D 194 -0.67 -31.86 -26.59
C GLY D 194 0.64 -31.27 -27.03
N LYS D 195 1.00 -30.08 -26.53
CA LYS D 195 2.31 -29.54 -26.86
C LYS D 195 3.25 -30.01 -25.76
N THR D 196 3.69 -31.26 -25.91
CA THR D 196 4.56 -31.87 -24.93
C THR D 196 5.96 -31.31 -25.00
N ASP D 197 6.28 -30.61 -26.11
CA ASP D 197 7.52 -29.87 -26.28
C ASP D 197 7.72 -28.78 -25.24
N LEU D 198 6.63 -28.26 -24.67
CA LEU D 198 6.74 -27.16 -23.72
C LEU D 198 7.72 -27.47 -22.60
N ILE D 199 8.55 -26.50 -22.29
CA ILE D 199 9.48 -26.55 -21.15
C ILE D 199 8.81 -25.84 -19.99
N SER D 200 8.50 -26.55 -18.94
CA SER D 200 7.95 -25.94 -17.73
C SER D 200 9.07 -25.74 -16.73
N VAL D 201 9.25 -24.49 -16.30
CA VAL D 201 10.35 -24.12 -15.42
C VAL D 201 9.77 -23.70 -14.08
N ALA D 202 10.15 -24.39 -13.03
CA ALA D 202 9.80 -24.01 -11.68
C ALA D 202 10.86 -23.08 -11.13
N VAL D 203 10.43 -22.08 -10.37
CA VAL D 203 11.32 -21.12 -9.75
C VAL D 203 11.19 -21.24 -8.24
N GLU D 204 12.34 -21.28 -7.56
CA GLU D 204 12.37 -21.37 -6.10
C GLU D 204 13.53 -20.56 -5.57
N PRO D 205 13.61 -20.31 -4.26
CA PRO D 205 14.78 -19.59 -3.74
C PRO D 205 15.99 -20.49 -3.58
N THR D 206 17.17 -19.90 -3.78
CA THR D 206 18.41 -20.61 -3.55
C THR D 206 18.56 -20.99 -2.09
N ASP D 207 18.01 -20.18 -1.19
CA ASP D 207 18.08 -20.37 0.25
C ASP D 207 17.04 -21.34 0.80
N SER D 208 16.12 -21.85 -0.04
CA SER D 208 15.21 -22.93 0.35
C SER D 208 14.85 -23.73 -0.89
N PRO D 209 15.88 -24.54 -1.50
CA PRO D 209 15.72 -25.13 -2.83
C PRO D 209 15.12 -26.53 -2.82
N VAL D 210 13.93 -26.65 -2.22
CA VAL D 210 13.38 -27.98 -1.93
C VAL D 210 12.90 -28.72 -3.17
N ILE D 211 12.54 -28.01 -4.23
CA ILE D 211 12.17 -28.69 -5.46
C ILE D 211 13.37 -29.34 -6.09
N ALA D 212 14.51 -28.64 -6.11
CA ALA D 212 15.72 -29.21 -6.67
C ALA D 212 16.19 -30.40 -5.85
N GLN D 213 16.07 -30.33 -4.53
CA GLN D 213 16.41 -31.48 -3.70
C GLN D 213 15.51 -32.66 -4.01
N ALA D 214 14.20 -32.41 -4.17
CA ALA D 214 13.28 -33.50 -4.40
C ALA D 214 13.54 -34.19 -5.73
N LEU D 215 13.94 -33.42 -6.75
CA LEU D 215 14.20 -34.06 -8.03
C LEU D 215 15.57 -34.72 -8.09
N ALA D 216 16.40 -34.51 -7.09
CA ALA D 216 17.67 -35.23 -6.97
C ALA D 216 17.59 -36.39 -6.02
N GLY D 217 16.42 -36.66 -5.44
CA GLY D 217 16.29 -37.66 -4.42
C GLY D 217 16.92 -37.29 -3.10
N GLU D 218 17.35 -36.04 -2.94
CA GLU D 218 17.99 -35.61 -1.71
C GLU D 218 16.96 -35.39 -0.61
N GLU D 219 17.46 -35.32 0.62
CA GLU D 219 16.61 -35.04 1.76
C GLU D 219 16.21 -33.58 1.75
N ILE D 220 14.98 -33.30 2.20
CA ILE D 220 14.34 -32.00 2.05
C ILE D 220 14.78 -31.10 3.20
N LYS D 221 15.49 -30.02 2.87
CA LYS D 221 16.07 -29.10 3.86
C LYS D 221 15.73 -27.65 3.54
N PRO D 222 14.65 -27.13 4.09
CA PRO D 222 14.24 -25.76 3.79
C PRO D 222 15.02 -24.73 4.60
N GLY D 223 14.88 -23.48 4.19
CA GLY D 223 15.46 -22.39 4.93
C GLY D 223 14.71 -21.10 4.70
N PRO D 224 15.06 -20.06 5.45
CA PRO D 224 14.41 -18.77 5.25
C PRO D 224 14.86 -18.11 3.96
N HIS D 225 13.97 -17.32 3.37
CA HIS D 225 14.27 -16.62 2.14
C HIS D 225 13.43 -15.36 2.11
N LYS D 226 13.71 -14.47 1.16
CA LYS D 226 13.04 -13.18 1.11
C LYS D 226 12.11 -13.02 -0.09
N ILE D 227 11.80 -14.10 -0.81
CA ILE D 227 10.93 -14.00 -1.98
C ILE D 227 9.51 -14.33 -1.61
N GLN D 228 8.78 -13.36 -1.06
CA GLN D 228 7.46 -13.61 -0.50
C GLN D 228 6.51 -14.12 -1.57
N GLY D 229 5.82 -15.22 -1.26
CA GLY D 229 4.86 -15.83 -2.14
C GLY D 229 5.26 -17.20 -2.66
N ILE D 230 6.56 -17.46 -2.74
CA ILE D 230 7.02 -18.77 -3.20
C ILE D 230 7.87 -19.35 -2.11
N GLY D 231 8.46 -20.51 -2.36
CA GLY D 231 9.39 -21.09 -1.43
C GLY D 231 8.76 -21.59 -0.17
N ALA D 232 7.80 -22.51 -0.31
CA ALA D 232 7.01 -22.99 0.81
C ALA D 232 7.83 -23.77 1.82
N GLY D 233 8.92 -24.39 1.40
CA GLY D 233 9.71 -25.23 2.27
C GLY D 233 9.33 -26.69 2.26
N PHE D 234 8.47 -27.09 1.34
CA PHE D 234 8.06 -28.47 1.17
C PHE D 234 7.47 -28.57 -0.22
N ILE D 235 7.22 -29.81 -0.64
CA ILE D 235 6.66 -30.07 -1.96
C ILE D 235 5.16 -30.17 -1.78
N PRO D 236 4.40 -29.14 -2.11
CA PRO D 236 2.97 -29.17 -1.86
C PRO D 236 2.28 -30.12 -2.81
N ALA D 237 1.14 -30.65 -2.35
CA ALA D 237 0.43 -31.65 -3.12
C ALA D 237 -0.01 -31.14 -4.49
N ASN D 238 -0.21 -29.85 -4.64
CA ASN D 238 -0.67 -29.27 -5.90
C ASN D 238 0.47 -28.99 -6.86
N LEU D 239 1.70 -29.40 -6.53
CA LEU D 239 2.83 -29.37 -7.44
C LEU D 239 3.05 -30.77 -7.97
N ASP D 240 2.83 -30.94 -9.27
CA ASP D 240 3.03 -32.23 -9.93
C ASP D 240 4.44 -32.22 -10.51
N LEU D 241 5.35 -32.87 -9.81
CA LEU D 241 6.75 -32.85 -10.22
C LEU D 241 6.96 -33.53 -11.58
N LYS D 242 6.06 -34.43 -11.99
CA LYS D 242 6.23 -35.10 -13.27
C LYS D 242 6.18 -34.13 -14.43
N LEU D 243 5.59 -32.95 -14.25
CA LEU D 243 5.47 -31.96 -15.30
C LEU D 243 6.58 -30.93 -15.25
N VAL D 244 7.42 -30.96 -14.24
CA VAL D 244 8.49 -29.99 -14.06
C VAL D 244 9.70 -30.45 -14.86
N ASP D 245 10.04 -29.71 -15.89
CA ASP D 245 11.17 -30.03 -16.73
C ASP D 245 12.50 -29.49 -16.21
N LYS D 246 12.45 -28.45 -15.39
CA LYS D 246 13.63 -27.68 -15.05
C LYS D 246 13.29 -26.80 -13.87
N VAL D 247 14.27 -26.58 -13.01
CA VAL D 247 14.09 -25.80 -11.79
C VAL D 247 15.27 -24.84 -11.68
N ILE D 248 14.97 -23.58 -11.43
CA ILE D 248 15.97 -22.53 -11.33
C ILE D 248 15.83 -21.88 -9.96
N GLY D 249 16.93 -21.87 -9.20
CA GLY D 249 16.97 -21.15 -7.94
C GLY D 249 17.47 -19.72 -8.15
N ILE D 250 16.84 -18.79 -7.46
CA ILE D 250 17.15 -17.37 -7.57
C ILE D 250 17.49 -16.87 -6.18
N THR D 251 18.48 -15.99 -6.10
CA THR D 251 18.89 -15.43 -4.82
C THR D 251 17.97 -14.28 -4.44
N ASN D 252 17.94 -13.98 -3.15
CA ASN D 252 17.19 -12.83 -2.66
C ASN D 252 17.51 -11.58 -3.46
N GLU D 253 18.78 -11.33 -3.72
CA GLU D 253 19.16 -10.06 -4.33
C GLU D 253 18.97 -10.05 -5.84
N GLU D 254 18.96 -11.20 -6.49
CA GLU D 254 18.57 -11.25 -7.89
C GLU D 254 17.09 -10.92 -8.04
N ALA D 255 16.27 -11.38 -7.09
CA ALA D 255 14.83 -11.14 -7.17
C ALA D 255 14.49 -9.68 -6.86
N ILE D 256 15.08 -9.11 -5.82
CA ILE D 256 14.76 -7.73 -5.46
C ILE D 256 15.13 -6.78 -6.59
N SER D 257 16.34 -6.91 -7.12
CA SER D 257 16.82 -5.99 -8.12
C SER D 257 16.07 -6.10 -9.44
N THR D 258 15.74 -7.32 -9.87
CA THR D 258 14.93 -7.48 -11.08
C THR D 258 13.52 -6.96 -10.89
N ALA D 259 12.98 -7.08 -9.69
CA ALA D 259 11.67 -6.51 -9.44
C ALA D 259 11.71 -5.00 -9.61
N ARG D 260 12.82 -4.38 -9.18
CA ARG D 260 12.97 -2.94 -9.31
C ARG D 260 13.20 -2.53 -10.76
N ARG D 261 13.84 -3.41 -11.54
CA ARG D 261 14.00 -3.15 -12.97
C ARG D 261 12.66 -3.18 -13.69
N LEU D 262 11.77 -4.08 -13.31
CA LEU D 262 10.46 -4.11 -13.92
C LEU D 262 9.73 -2.79 -13.72
N MET D 263 9.83 -2.24 -12.52
CA MET D 263 9.13 -1.00 -12.23
C MET D 263 9.78 0.16 -12.98
N GLU D 264 11.11 0.25 -12.96
CA GLU D 264 11.77 1.42 -13.52
C GLU D 264 11.98 1.34 -15.02
N GLU D 265 12.23 0.16 -15.56
CA GLU D 265 12.51 0.01 -16.98
C GLU D 265 11.30 -0.39 -17.79
N GLU D 266 10.32 -1.05 -17.19
CA GLU D 266 9.16 -1.47 -17.95
C GLU D 266 7.87 -0.79 -17.50
N GLY D 267 7.87 -0.04 -16.41
CA GLY D 267 6.63 0.55 -15.95
C GLY D 267 5.64 -0.47 -15.46
N ILE D 268 6.12 -1.59 -14.92
CA ILE D 268 5.27 -2.64 -14.39
C ILE D 268 5.55 -2.76 -12.90
N LEU D 269 4.58 -2.40 -12.06
CA LEU D 269 4.73 -2.61 -10.62
C LEU D 269 4.85 -4.08 -10.32
N ALA D 270 5.90 -4.44 -9.56
CA ALA D 270 6.26 -5.82 -9.39
C ALA D 270 6.71 -6.07 -7.96
N GLY D 271 6.25 -7.17 -7.37
CA GLY D 271 6.77 -7.62 -6.11
C GLY D 271 8.00 -8.48 -6.34
N ILE D 272 8.57 -8.94 -5.23
CA ILE D 272 9.82 -9.70 -5.30
C ILE D 272 9.61 -11.00 -6.08
N SER D 273 8.47 -11.65 -5.92
CA SER D 273 8.26 -12.91 -6.64
C SER D 273 8.17 -12.67 -8.14
N SER D 274 7.75 -11.48 -8.55
CA SER D 274 7.75 -11.14 -9.97
C SER D 274 9.16 -10.94 -10.48
N GLY D 275 10.00 -10.27 -9.70
CA GLY D 275 11.39 -10.13 -10.07
C GLY D 275 12.10 -11.44 -10.13
N ALA D 276 11.73 -12.39 -9.26
CA ALA D 276 12.40 -13.67 -9.26
C ALA D 276 12.08 -14.47 -10.52
N ALA D 277 10.82 -14.50 -10.94
CA ALA D 277 10.47 -15.27 -12.13
C ALA D 277 11.12 -14.70 -13.38
N VAL D 278 11.19 -13.37 -13.49
CA VAL D 278 11.87 -12.75 -14.61
C VAL D 278 13.39 -13.00 -14.53
N ALA D 279 13.94 -13.02 -13.33
CA ALA D 279 15.37 -13.31 -13.19
C ALA D 279 15.69 -14.72 -13.71
N ALA D 280 14.78 -15.66 -13.50
CA ALA D 280 14.98 -17.01 -14.01
C ALA D 280 14.92 -17.03 -15.52
N ALA D 281 14.08 -16.19 -16.09
CA ALA D 281 14.05 -16.06 -17.55
C ALA D 281 15.37 -15.53 -18.06
N LEU D 282 15.96 -14.57 -17.34
CA LEU D 282 17.26 -14.03 -17.73
C LEU D 282 18.36 -15.08 -17.66
N LYS D 283 18.34 -15.92 -16.64
CA LYS D 283 19.31 -17.00 -16.56
C LYS D 283 19.12 -18.03 -17.66
N LEU D 284 17.86 -18.29 -18.03
CA LEU D 284 17.61 -19.24 -19.10
C LEU D 284 18.14 -18.74 -20.42
N GLN D 285 18.17 -17.43 -20.61
CA GLN D 285 18.66 -16.80 -21.83
C GLN D 285 20.17 -16.67 -21.85
N GLU D 286 20.85 -17.11 -20.80
CA GLU D 286 22.30 -17.23 -20.85
C GLU D 286 22.71 -18.47 -21.60
N ASP D 287 21.81 -19.45 -21.71
CA ASP D 287 21.94 -20.53 -22.67
C ASP D 287 21.42 -20.06 -24.03
N GLU D 288 22.27 -20.12 -25.05
CA GLU D 288 21.91 -19.60 -26.35
C GLU D 288 20.76 -20.39 -27.00
N SER D 289 20.49 -21.60 -26.54
CA SER D 289 19.42 -22.37 -27.14
C SER D 289 18.03 -21.86 -26.74
N PHE D 290 17.94 -21.02 -25.73
CA PHE D 290 16.68 -20.41 -25.34
C PHE D 290 16.56 -18.96 -25.77
N THR D 291 17.52 -18.45 -26.51
CA THR D 291 17.53 -17.03 -26.83
C THR D 291 16.51 -16.62 -27.88
N ASN D 292 16.03 -17.54 -28.70
CA ASN D 292 15.04 -17.19 -29.71
C ASN D 292 13.74 -17.94 -29.47
N LYS D 293 13.45 -18.27 -28.22
CA LYS D 293 12.22 -18.92 -27.81
C LYS D 293 11.24 -17.91 -27.21
N ASN D 294 9.95 -18.23 -27.29
CA ASN D 294 8.92 -17.44 -26.63
C ASN D 294 8.78 -17.91 -25.18
N ILE D 295 9.10 -17.03 -24.26
CA ILE D 295 9.18 -17.34 -22.84
C ILE D 295 8.06 -16.58 -22.15
N VAL D 296 7.10 -17.30 -21.58
CA VAL D 296 6.00 -16.72 -20.84
C VAL D 296 6.27 -16.85 -19.35
N VAL D 297 6.22 -15.73 -18.63
CA VAL D 297 6.61 -15.65 -17.22
C VAL D 297 5.43 -15.12 -16.42
N ILE D 298 5.15 -15.73 -15.28
CA ILE D 298 4.10 -15.26 -14.39
C ILE D 298 4.64 -14.20 -13.44
N LEU D 299 3.95 -13.06 -13.38
CA LEU D 299 4.23 -11.94 -12.50
C LEU D 299 3.13 -11.91 -11.45
N PRO D 300 3.32 -12.53 -10.29
CA PRO D 300 2.17 -12.84 -9.43
C PRO D 300 1.55 -11.67 -8.69
N SER D 301 2.27 -10.61 -8.34
CA SER D 301 1.66 -9.54 -7.56
C SER D 301 2.30 -8.19 -7.88
N SER D 302 1.65 -7.13 -7.41
CA SER D 302 2.11 -5.75 -7.63
C SER D 302 2.96 -5.27 -6.48
N GLY D 303 3.97 -4.47 -6.81
CA GLY D 303 4.88 -3.97 -5.80
C GLY D 303 4.25 -3.06 -4.78
N GLU D 304 3.11 -2.44 -5.11
CA GLU D 304 2.48 -1.50 -4.18
C GLU D 304 1.87 -2.24 -2.99
N ARG D 305 1.66 -3.55 -3.11
CA ARG D 305 1.28 -4.31 -1.92
C ARG D 305 2.39 -4.34 -0.88
N TYR D 306 3.63 -4.12 -1.30
CA TYR D 306 4.78 -4.28 -0.44
C TYR D 306 5.51 -2.96 -0.25
N LEU D 307 4.77 -1.86 -0.28
CA LEU D 307 5.36 -0.53 -0.31
C LEU D 307 6.15 -0.19 0.96
N SER D 308 5.82 -0.82 2.08
CA SER D 308 6.50 -0.61 3.34
C SER D 308 7.73 -1.49 3.52
N THR D 309 8.09 -2.29 2.52
CA THR D 309 9.13 -3.28 2.68
C THR D 309 10.45 -2.77 2.13
N ALA D 310 11.49 -3.57 2.26
CA ALA D 310 12.82 -3.21 1.77
C ALA D 310 12.90 -3.19 0.27
N LEU D 311 11.85 -3.62 -0.42
CA LEU D 311 11.78 -3.53 -1.88
C LEU D 311 11.95 -2.10 -2.38
N PHE D 312 11.64 -1.09 -1.56
CA PHE D 312 11.78 0.32 -1.96
C PHE D 312 12.84 1.00 -1.10
N ALA D 313 14.11 0.80 -1.43
CA ALA D 313 15.20 1.27 -0.57
C ALA D 313 16.16 2.26 -1.26
N ASP D 314 15.80 2.79 -2.41
CA ASP D 314 16.63 3.79 -3.10
C ASP D 314 15.83 4.52 -4.21
N LEU E 133 30.38 -47.75 19.29
CA LEU E 133 29.70 -47.67 20.58
C LEU E 133 30.55 -46.87 21.59
N ASN E 134 31.54 -46.13 21.10
CA ASN E 134 32.42 -45.32 21.93
C ASN E 134 32.88 -44.11 21.12
N GLN E 135 33.03 -42.99 21.80
CA GLN E 135 32.87 -41.67 21.19
C GLN E 135 34.17 -41.08 20.63
N LYS E 136 34.02 -40.02 19.83
CA LYS E 136 35.09 -39.51 18.98
C LYS E 136 35.41 -38.00 18.88
N GLN E 137 34.60 -37.22 18.16
CA GLN E 137 34.61 -35.78 18.21
C GLN E 137 33.15 -35.45 18.24
N GLU E 138 32.33 -36.48 18.00
CA GLU E 138 30.94 -36.49 18.38
C GLU E 138 30.74 -36.00 19.81
N SER E 139 31.75 -36.16 20.68
CA SER E 139 31.71 -35.48 21.96
C SER E 139 31.58 -33.98 21.75
N ALA E 140 32.51 -33.39 20.99
CA ALA E 140 32.48 -31.97 20.65
C ALA E 140 31.23 -31.59 19.88
N ILE E 141 30.41 -32.55 19.51
CA ILE E 141 29.29 -32.28 18.62
C ILE E 141 27.97 -32.28 19.40
N LYS E 142 27.91 -33.00 20.52
CA LYS E 142 26.75 -32.83 21.38
C LYS E 142 26.84 -31.54 22.19
N LYS E 143 28.05 -31.13 22.59
CA LYS E 143 28.17 -29.87 23.31
C LYS E 143 27.57 -28.73 22.50
N ILE E 144 27.74 -28.77 21.17
CA ILE E 144 27.34 -27.63 20.37
C ILE E 144 25.84 -27.67 20.07
N ASP E 145 25.20 -28.84 20.05
CA ASP E 145 23.76 -28.83 19.88
C ASP E 145 23.09 -28.24 21.11
N ASN E 146 23.52 -28.68 22.30
CA ASN E 146 22.84 -28.27 23.51
C ASN E 146 23.01 -26.77 23.75
N THR E 147 24.18 -26.23 23.44
CA THR E 147 24.36 -24.79 23.63
C THR E 147 23.80 -23.98 22.48
N ILE E 148 23.64 -24.56 21.29
CA ILE E 148 22.91 -23.86 20.24
C ILE E 148 21.46 -23.63 20.66
N LYS E 149 20.95 -24.40 21.61
CA LYS E 149 19.68 -24.04 22.21
C LYS E 149 19.79 -22.90 23.23
N ASN E 150 20.79 -22.01 23.15
CA ASN E 150 20.61 -20.62 23.55
C ASN E 150 20.85 -19.70 22.35
N ALA E 151 20.54 -20.22 21.16
CA ALA E 151 20.39 -19.45 19.93
C ALA E 151 19.04 -19.72 19.27
N LEU E 152 18.06 -20.22 20.01
CA LEU E 152 16.72 -20.46 19.51
C LEU E 152 15.69 -19.61 20.24
N LYS E 153 16.07 -18.38 20.57
CA LYS E 153 15.16 -17.50 21.29
C LYS E 153 13.97 -17.15 20.42
N ASP E 154 12.85 -16.84 21.05
CA ASP E 154 11.65 -16.44 20.33
C ASP E 154 11.92 -15.31 19.35
N HIS E 155 12.79 -14.37 19.71
CA HIS E 155 13.01 -13.26 18.80
C HIS E 155 14.03 -13.52 17.71
N ASP E 156 14.81 -14.59 17.80
CA ASP E 156 15.59 -14.98 16.64
C ASP E 156 14.68 -15.48 15.54
N ILE E 157 13.60 -16.16 15.90
CA ILE E 157 12.63 -16.64 14.94
C ILE E 157 11.77 -15.49 14.42
N ILE E 158 11.30 -14.62 15.31
CA ILE E 158 10.42 -13.55 14.87
C ILE E 158 11.18 -12.56 14.01
N GLY E 159 12.46 -12.36 14.26
CA GLY E 159 13.27 -11.55 13.36
C GLY E 159 13.45 -12.19 12.01
N THR E 160 13.65 -13.51 11.98
CA THR E 160 13.66 -14.24 10.70
C THR E 160 12.36 -14.05 9.92
N LEU E 161 11.23 -14.20 10.58
CA LEU E 161 9.94 -14.04 9.91
C LEU E 161 9.76 -12.64 9.36
N LYS E 162 10.08 -11.60 10.15
CA LYS E 162 9.91 -10.25 9.63
C LYS E 162 10.92 -9.94 8.55
N ASP E 163 12.10 -10.56 8.62
CA ASP E 163 13.01 -10.50 7.49
C ASP E 163 12.39 -11.10 6.25
N MSE E 164 11.74 -12.25 6.38
CA MSE E 164 10.98 -12.87 5.29
C MSE E 164 9.85 -12.01 4.75
O MSE E 164 9.62 -12.00 3.56
CB MSE E 164 10.42 -14.21 5.75
CG MSE E 164 11.47 -15.24 6.08
SE MSE E 164 10.77 -17.01 6.25
CE MSE E 164 9.93 -17.16 4.55
N ASP E 165 9.15 -11.28 5.61
CA ASP E 165 8.18 -10.32 5.14
C ASP E 165 8.80 -9.08 4.54
N GLY E 166 10.12 -8.97 4.47
CA GLY E 166 10.72 -7.81 3.88
C GLY E 166 10.82 -6.63 4.80
N LYS E 167 10.73 -6.83 6.11
CA LYS E 167 10.85 -5.76 7.10
C LYS E 167 12.08 -5.98 7.98
N PRO E 168 13.28 -5.92 7.41
CA PRO E 168 14.47 -6.01 8.24
C PRO E 168 14.73 -4.70 8.98
N VAL E 169 15.50 -4.83 10.06
CA VAL E 169 15.86 -3.71 10.92
C VAL E 169 16.96 -2.88 10.26
N PRO E 170 16.70 -1.61 10.00
CA PRO E 170 17.70 -0.77 9.34
C PRO E 170 18.81 -0.29 10.25
N LYS E 171 20.00 -0.16 9.67
CA LYS E 171 21.09 0.58 10.27
C LYS E 171 21.01 2.04 9.84
N GLU E 172 21.78 2.90 10.51
CA GLU E 172 21.83 4.31 10.14
C GLU E 172 22.85 4.60 9.04
N ASN E 173 23.93 3.80 8.96
CA ASN E 173 24.86 3.85 7.85
C ASN E 173 24.18 3.68 6.49
N GLY E 174 22.96 3.16 6.47
CA GLY E 174 22.38 2.64 5.25
C GLY E 174 22.60 1.15 5.16
N GLY E 175 21.58 0.40 4.79
CA GLY E 175 21.62 -1.03 4.91
C GLY E 175 20.94 -1.49 6.17
N TYR E 176 20.99 -2.80 6.37
CA TYR E 176 20.14 -3.43 7.36
C TYR E 176 20.91 -4.48 8.12
N TRP E 177 20.43 -4.76 9.33
CA TRP E 177 20.74 -6.01 9.97
C TRP E 177 19.94 -7.12 9.30
N ASP E 178 20.53 -8.31 9.26
CA ASP E 178 19.97 -9.51 8.63
C ASP E 178 19.82 -10.57 9.70
N HIS E 179 18.65 -10.62 10.33
CA HIS E 179 18.41 -11.62 11.37
C HIS E 179 18.18 -13.00 10.78
N MSE E 180 17.74 -13.10 9.54
CA MSE E 180 17.55 -14.39 8.89
C MSE E 180 18.88 -15.08 8.56
O MSE E 180 18.98 -16.30 8.53
CB MSE E 180 16.71 -14.17 7.63
CG MSE E 180 17.01 -15.09 6.46
SE MSE E 180 16.07 -14.44 4.91
CE MSE E 180 17.02 -12.78 4.90
N GLN E 181 19.92 -14.29 8.35
CA GLN E 181 21.21 -14.90 8.07
C GLN E 181 21.78 -15.57 9.31
N GLU E 182 21.52 -15.01 10.48
CA GLU E 182 21.92 -15.67 11.72
C GLU E 182 21.17 -16.98 11.90
N MSE E 183 19.91 -17.03 11.50
CA MSE E 183 19.14 -18.25 11.53
C MSE E 183 19.60 -19.31 10.54
O MSE E 183 19.71 -20.47 10.92
CB MSE E 183 17.68 -17.95 11.29
CG MSE E 183 16.77 -19.16 11.56
SE MSE E 183 16.92 -19.94 13.34
CE MSE E 183 16.11 -18.52 14.31
N GLN E 184 19.87 -18.94 9.29
CA GLN E 184 20.53 -19.88 8.39
C GLN E 184 21.78 -20.42 9.04
N ASN E 185 22.51 -19.56 9.76
CA ASN E 185 23.73 -20.01 10.40
C ASN E 185 23.42 -21.03 11.48
N THR E 186 22.41 -20.75 12.31
CA THR E 186 22.04 -21.70 13.34
C THR E 186 21.56 -23.00 12.74
N LEU E 187 20.74 -22.91 11.70
CA LEU E 187 20.30 -24.11 11.02
C LEU E 187 21.47 -24.94 10.53
N ARG E 188 22.48 -24.28 9.97
CA ARG E 188 23.59 -24.98 9.36
C ARG E 188 24.39 -25.78 10.38
N GLY E 189 24.62 -25.18 11.55
CA GLY E 189 25.33 -25.90 12.58
C GLY E 189 24.55 -27.10 13.08
N LEU E 190 23.27 -26.90 13.40
CA LEU E 190 22.45 -28.01 13.85
C LEU E 190 22.38 -29.12 12.81
N ARG E 191 22.22 -28.76 11.54
CA ARG E 191 22.18 -29.77 10.48
C ARG E 191 23.50 -30.52 10.38
N ASN E 192 24.61 -29.82 10.55
CA ASN E 192 25.91 -30.45 10.49
C ASN E 192 26.13 -31.39 11.67
N HIS E 193 25.75 -30.98 12.88
CA HIS E 193 26.00 -31.82 14.02
C HIS E 193 25.08 -33.03 14.02
N ALA E 194 23.88 -32.90 13.48
CA ALA E 194 22.98 -34.05 13.36
C ALA E 194 23.52 -35.05 12.34
N ASP E 195 24.22 -34.58 11.30
CA ASP E 195 24.86 -35.48 10.38
C ASP E 195 25.97 -36.27 11.08
N THR E 196 26.81 -35.57 11.84
CA THR E 196 27.87 -36.23 12.60
C THR E 196 27.34 -37.40 13.44
N LEU E 197 26.22 -37.23 14.11
CA LEU E 197 25.70 -38.21 15.06
C LEU E 197 24.65 -39.16 14.47
N LYS E 198 24.34 -39.06 13.18
CA LYS E 198 23.10 -39.66 12.67
C LYS E 198 23.05 -41.16 12.93
N ASN E 199 24.03 -41.90 12.46
CA ASN E 199 24.02 -43.35 12.59
C ASN E 199 25.03 -43.85 13.61
N VAL E 200 25.32 -43.04 14.61
CA VAL E 200 26.26 -43.42 15.65
C VAL E 200 25.52 -44.25 16.69
N ASN E 201 25.90 -45.53 16.80
CA ASN E 201 25.26 -46.46 17.71
C ASN E 201 25.77 -46.19 19.12
N ASN E 202 25.15 -45.19 19.77
CA ASN E 202 25.48 -44.82 21.14
C ASN E 202 24.30 -44.07 21.70
N PRO E 203 23.89 -44.33 22.93
CA PRO E 203 22.70 -43.68 23.48
C PRO E 203 22.85 -42.17 23.62
N GLU E 204 23.93 -41.73 24.26
CA GLU E 204 24.18 -40.30 24.38
C GLU E 204 24.09 -39.61 23.02
N ALA E 205 24.64 -40.24 21.97
CA ALA E 205 24.58 -39.65 20.64
C ALA E 205 23.17 -39.68 20.06
N GLN E 206 22.38 -40.70 20.38
CA GLN E 206 21.03 -40.75 19.84
C GLN E 206 20.12 -39.77 20.56
N ALA E 207 20.38 -39.46 21.82
CA ALA E 207 19.58 -38.43 22.50
C ALA E 207 19.85 -37.07 21.88
N ALA E 208 21.14 -36.75 21.68
CA ALA E 208 21.52 -35.48 21.09
C ALA E 208 21.02 -35.37 19.66
N TYR E 209 21.01 -36.49 18.94
CA TYR E 209 20.44 -36.46 17.60
C TYR E 209 18.96 -36.11 17.67
N GLY E 210 18.27 -36.61 18.69
CA GLY E 210 16.87 -36.29 18.83
C GLY E 210 16.65 -34.82 19.18
N ARG E 211 17.49 -34.28 20.04
CA ARG E 211 17.30 -32.88 20.41
C ARG E 211 17.60 -31.97 19.25
N ALA E 212 18.61 -32.31 18.45
CA ALA E 212 18.99 -31.50 17.29
C ALA E 212 17.93 -31.51 16.20
N THR E 213 17.31 -32.66 15.94
CA THR E 213 16.26 -32.66 14.94
C THR E 213 14.96 -32.11 15.47
N ASP E 214 14.74 -32.17 16.78
CA ASP E 214 13.61 -31.45 17.37
C ASP E 214 13.74 -29.95 17.14
N ALA E 215 14.98 -29.45 17.19
CA ALA E 215 15.22 -28.02 17.01
C ALA E 215 15.12 -27.61 15.56
N ILE E 216 15.59 -28.45 14.64
CA ILE E 216 15.43 -28.14 13.23
C ILE E 216 13.95 -28.12 12.87
N ASN E 217 13.22 -29.13 13.33
CA ASN E 217 11.78 -29.17 13.10
C ASN E 217 11.10 -27.97 13.75
N LYS E 218 11.54 -27.56 14.92
CA LYS E 218 10.98 -26.38 15.56
C LYS E 218 11.18 -25.16 14.68
N ILE E 219 12.34 -25.05 14.03
CA ILE E 219 12.61 -23.93 13.15
C ILE E 219 11.86 -24.07 11.85
N GLU E 220 11.93 -25.26 11.23
CA GLU E 220 11.27 -25.46 9.94
C GLU E 220 9.76 -25.27 10.06
N SER E 221 9.17 -25.68 11.17
CA SER E 221 7.74 -25.57 11.34
C SER E 221 7.27 -24.12 11.37
N ALA E 222 8.10 -23.22 11.87
CA ALA E 222 7.73 -21.81 11.91
C ALA E 222 7.75 -21.19 10.51
N LEU E 223 8.64 -21.65 9.63
CA LEU E 223 8.87 -21.02 8.33
C LEU E 223 8.01 -21.60 7.21
N LYS E 224 7.75 -22.90 7.22
CA LYS E 224 7.08 -23.55 6.10
C LYS E 224 5.67 -23.02 5.89
N GLY E 225 5.42 -22.57 4.66
CA GLY E 225 4.15 -22.00 4.25
C GLY E 225 4.02 -20.53 4.53
N TYR E 226 5.04 -19.90 5.09
CA TYR E 226 4.92 -18.51 5.50
C TYR E 226 4.87 -17.61 4.29
N GLY E 227 4.01 -16.62 4.33
CA GLY E 227 4.00 -15.61 3.32
C GLY E 227 3.21 -15.96 2.08
N ILE E 228 2.55 -17.13 2.07
CA ILE E 228 1.83 -17.62 0.92
C ILE E 228 0.33 -17.53 1.14
N ILE F 2 42.11 -1.07 18.56
CA ILE F 2 41.09 -0.42 17.74
C ILE F 2 39.75 -1.18 17.80
N THR F 3 38.65 -0.43 17.76
CA THR F 3 37.31 -0.96 17.99
C THR F 3 36.37 -0.55 16.86
N LEU F 4 35.23 -1.25 16.79
CA LEU F 4 34.22 -0.94 15.80
C LEU F 4 33.66 0.46 16.00
N ARG F 5 33.64 0.96 17.23
CA ARG F 5 33.23 2.34 17.45
C ARG F 5 34.20 3.31 16.78
N LYS F 6 35.51 3.02 16.85
CA LYS F 6 36.47 3.89 16.19
C LYS F 6 36.34 3.81 14.67
N LEU F 7 35.97 2.65 14.14
CA LEU F 7 35.94 2.49 12.69
C LEU F 7 34.66 3.02 12.07
N ILE F 8 33.50 2.68 12.63
CA ILE F 8 32.22 2.95 11.99
C ILE F 8 31.25 3.74 12.87
N GLY F 9 31.60 4.01 14.12
CA GLY F 9 30.64 4.68 14.97
C GLY F 9 29.47 3.75 15.29
N ASN F 10 28.45 4.31 15.92
CA ASN F 10 27.30 3.50 16.32
C ASN F 10 26.24 3.65 15.23
N ILE F 11 26.10 2.60 14.43
CA ILE F 11 25.20 2.52 13.28
C ILE F 11 23.82 2.02 13.68
N ASN F 12 23.59 1.83 14.97
CA ASN F 12 22.26 1.48 15.41
C ASN F 12 21.31 2.66 15.24
N MSE F 13 20.08 2.35 14.88
CA MSE F 13 19.03 3.33 14.97
C MSE F 13 18.86 3.67 16.42
O MSE F 13 18.77 2.78 17.26
CB MSE F 13 17.75 2.78 14.42
CG MSE F 13 17.49 3.18 13.02
SE MSE F 13 16.14 1.97 12.37
CE MSE F 13 14.98 1.83 13.92
N THR F 14 18.84 4.96 16.71
CA THR F 14 18.69 5.43 18.08
C THR F 14 17.44 4.86 18.72
N LYS F 15 17.59 4.05 19.75
CA LYS F 15 16.41 3.62 20.51
C LYS F 15 16.83 3.01 21.85
N GLU F 16 15.87 2.88 22.69
CA GLU F 16 16.12 2.32 23.99
C GLU F 16 16.19 0.80 23.89
N PRO F 17 16.99 0.18 24.74
CA PRO F 17 17.26 -1.26 24.58
C PRO F 17 16.02 -2.13 24.61
N GLU F 18 14.94 -1.69 25.26
CA GLU F 18 13.69 -2.44 25.26
C GLU F 18 13.07 -2.54 23.88
N GLN F 19 13.47 -1.69 22.93
CA GLN F 19 12.96 -1.71 21.57
C GLN F 19 14.00 -2.17 20.55
N GLN F 20 15.04 -2.88 20.98
CA GLN F 20 16.16 -3.22 20.12
C GLN F 20 16.16 -4.70 19.76
N SER F 21 16.54 -5.01 18.53
CA SER F 21 16.55 -6.37 18.06
C SER F 21 17.77 -7.10 18.59
N PRO F 22 17.78 -8.43 18.51
CA PRO F 22 18.95 -9.17 19.02
C PRO F 22 20.29 -8.71 18.45
N LEU F 23 20.32 -8.29 17.19
CA LEU F 23 21.56 -7.84 16.57
C LEU F 23 21.90 -6.41 16.94
N GLU F 24 20.90 -5.55 17.11
CA GLU F 24 21.15 -4.23 17.68
C GLU F 24 21.70 -4.33 19.09
N LEU F 25 21.11 -5.20 19.91
CA LEU F 25 21.64 -5.42 21.25
C LEU F 25 23.04 -5.98 21.18
N TRP F 26 23.24 -7.01 20.38
CA TRP F 26 24.55 -7.64 20.30
C TRP F 26 25.61 -6.63 19.89
N PHE F 27 25.27 -5.75 18.95
CA PHE F 27 26.23 -4.76 18.50
C PHE F 27 26.59 -3.76 19.59
N GLU F 28 25.63 -3.38 20.44
CA GLU F 28 26.01 -2.47 21.49
C GLU F 28 26.91 -3.13 22.52
N ARG F 29 26.90 -4.45 22.60
CA ARG F 29 27.76 -5.15 23.52
C ARG F 29 29.19 -5.32 23.00
N ILE F 30 29.42 -5.20 21.70
CA ILE F 30 30.74 -5.46 21.13
C ILE F 30 31.36 -4.25 20.47
N ILE F 31 30.63 -3.13 20.35
CA ILE F 31 31.12 -1.96 19.62
C ILE F 31 32.41 -1.41 20.23
N ASP F 32 32.65 -1.68 21.51
CA ASP F 32 33.83 -1.22 22.21
C ASP F 32 34.83 -2.33 22.48
N VAL F 33 34.58 -3.54 22.02
CA VAL F 33 35.56 -4.59 22.24
C VAL F 33 36.66 -4.44 21.19
N PRO F 34 37.91 -4.35 21.60
CA PRO F 34 38.98 -4.21 20.63
C PRO F 34 39.00 -5.44 19.74
N LEU F 35 39.32 -5.22 18.46
CA LEU F 35 39.24 -6.30 17.49
C LEU F 35 40.11 -7.48 17.93
N GLU F 36 41.25 -7.17 18.54
CA GLU F 36 42.15 -8.19 19.05
C GLU F 36 41.45 -9.15 19.99
N LYS F 37 40.38 -8.72 20.66
CA LYS F 37 39.75 -9.50 21.72
C LYS F 37 38.35 -9.97 21.37
N LEU F 38 37.86 -9.70 20.17
CA LEU F 38 36.58 -10.27 19.78
C LEU F 38 36.68 -11.79 19.72
N THR F 39 35.72 -12.44 20.33
CA THR F 39 35.61 -13.88 20.28
C THR F 39 35.42 -14.32 18.84
N VAL F 40 35.53 -15.62 18.61
CA VAL F 40 35.34 -16.11 17.25
C VAL F 40 33.90 -15.87 16.81
N GLU F 41 32.94 -16.13 17.72
CA GLU F 41 31.54 -15.94 17.39
C GLU F 41 31.26 -14.49 16.98
N ASP F 42 31.72 -13.53 17.80
CA ASP F 42 31.49 -12.13 17.45
C ASP F 42 32.14 -11.80 16.11
N LEU F 43 33.31 -12.36 15.88
CA LEU F 43 34.03 -12.09 14.65
C LEU F 43 33.26 -12.62 13.45
N CYS F 44 32.79 -13.86 13.51
CA CYS F 44 31.97 -14.39 12.41
C CYS F 44 30.77 -13.51 12.14
N ARG F 45 30.07 -13.10 13.19
CA ARG F 45 28.84 -12.36 12.98
C ARG F 45 29.13 -10.96 12.44
N ALA F 46 30.21 -10.34 12.89
CA ALA F 46 30.56 -9.02 12.38
C ALA F 46 30.79 -9.06 10.89
N ILE F 47 31.36 -10.15 10.41
CA ILE F 47 31.58 -10.34 8.98
C ILE F 47 30.25 -10.52 8.27
N ARG F 48 29.49 -11.54 8.67
CA ARG F 48 28.16 -11.78 8.17
C ARG F 48 27.33 -10.51 8.10
N GLN F 49 27.47 -9.66 9.09
CA GLN F 49 26.72 -8.43 9.17
C GLN F 49 27.45 -7.24 8.55
N ASN F 50 28.53 -7.47 7.80
CA ASN F 50 29.18 -6.46 6.95
C ASN F 50 29.62 -5.23 7.76
N LEU F 51 30.37 -5.47 8.82
CA LEU F 51 30.78 -4.43 9.74
C LEU F 51 32.27 -4.13 9.53
N CYS F 52 32.55 -3.17 8.65
CA CYS F 52 33.91 -2.81 8.22
C CYS F 52 34.79 -4.05 8.05
N ILE F 53 34.44 -4.90 7.09
CA ILE F 53 35.14 -6.17 6.95
C ILE F 53 36.60 -5.94 6.58
N ASP F 54 36.88 -4.85 5.89
CA ASP F 54 38.27 -4.52 5.54
C ASP F 54 39.17 -4.66 6.76
N GLN F 55 38.89 -3.87 7.79
CA GLN F 55 39.70 -3.81 8.98
C GLN F 55 39.58 -5.05 9.86
N LEU F 56 38.75 -6.02 9.49
CA LEU F 56 38.68 -7.28 10.23
C LEU F 56 39.64 -8.32 9.70
N MSE F 57 40.20 -8.12 8.52
CA MSE F 57 40.98 -9.13 7.85
C MSE F 57 42.26 -9.56 8.57
O MSE F 57 42.56 -10.75 8.64
CB MSE F 57 41.28 -8.68 6.42
CG MSE F 57 40.05 -8.62 5.53
SE MSE F 57 39.07 -10.32 5.50
CE MSE F 57 37.55 -9.86 6.59
N PRO F 58 43.05 -8.61 9.11
CA PRO F 58 44.22 -9.03 9.89
C PRO F 58 43.86 -10.00 11.00
N ARG F 59 42.82 -9.68 11.73
CA ARG F 59 42.38 -10.53 12.82
C ARG F 59 41.90 -11.87 12.28
N VAL F 60 41.27 -11.87 11.11
CA VAL F 60 40.85 -13.13 10.51
C VAL F 60 42.06 -13.98 10.15
N LEU F 61 43.08 -13.37 9.56
CA LEU F 61 44.30 -14.12 9.25
C LEU F 61 44.94 -14.68 10.50
N GLU F 62 44.98 -13.89 11.57
CA GLU F 62 45.51 -14.36 12.84
C GLU F 62 44.76 -15.60 13.31
N VAL F 63 43.44 -15.53 13.35
CA VAL F 63 42.62 -16.59 13.95
C VAL F 63 42.70 -17.87 13.14
N LEU F 64 42.77 -17.76 11.81
CA LEU F 64 42.73 -18.95 10.99
C LEU F 64 44.09 -19.62 10.89
N THR F 65 45.16 -18.85 10.91
CA THR F 65 46.49 -19.43 10.94
C THR F 65 46.62 -20.40 12.11
N LYS F 66 46.18 -19.99 13.29
CA LYS F 66 46.27 -20.89 14.43
C LYS F 66 45.31 -22.05 14.27
N GLU F 67 44.06 -21.77 13.86
CA GLU F 67 43.04 -22.79 13.70
C GLU F 67 42.27 -22.52 12.42
N PRO F 68 42.56 -23.22 11.33
CA PRO F 68 41.93 -22.89 10.05
C PRO F 68 40.44 -23.21 9.94
N LEU F 69 39.89 -24.14 10.73
CA LEU F 69 38.44 -24.32 10.75
C LEU F 69 37.84 -23.74 12.03
N ALA F 70 38.29 -22.54 12.40
CA ALA F 70 37.74 -21.86 13.55
C ALA F 70 36.26 -21.57 13.36
N GLY F 71 35.51 -21.70 14.44
CA GLY F 71 34.09 -21.42 14.41
C GLY F 71 33.52 -21.69 15.78
N GLU F 72 32.35 -21.11 16.00
CA GLU F 72 31.61 -21.33 17.24
C GLU F 72 30.54 -22.41 17.09
N TYR F 73 29.61 -22.21 16.16
CA TYR F 73 28.47 -23.09 15.97
C TYR F 73 28.82 -24.33 15.17
N TYR F 74 29.87 -24.29 14.36
CA TYR F 74 30.28 -25.45 13.59
C TYR F 74 31.68 -25.17 13.09
N ASP F 75 32.37 -26.23 12.68
CA ASP F 75 33.70 -26.07 12.11
C ASP F 75 33.58 -25.52 10.70
N GLY F 76 34.41 -24.54 10.38
CA GLY F 76 34.36 -23.84 9.12
C GLY F 76 33.49 -22.61 9.11
N GLU F 77 32.97 -22.19 10.27
CA GLU F 77 32.04 -21.07 10.29
C GLU F 77 32.72 -19.77 9.86
N LEU F 78 33.97 -19.57 10.28
CA LEU F 78 34.66 -18.37 9.87
C LEU F 78 34.93 -18.38 8.37
N ILE F 79 35.32 -19.53 7.81
CA ILE F 79 35.42 -19.62 6.36
C ILE F 79 34.07 -19.37 5.73
N ALA F 80 33.01 -19.88 6.34
CA ALA F 80 31.66 -19.60 5.86
C ALA F 80 31.37 -18.11 5.89
N ALA F 81 31.75 -17.43 6.96
CA ALA F 81 31.51 -15.99 7.02
C ALA F 81 32.20 -15.26 5.88
N LEU F 82 33.45 -15.65 5.58
CA LEU F 82 34.20 -15.00 4.53
C LEU F 82 33.57 -15.19 3.16
N SER F 83 32.91 -16.33 2.93
CA SER F 83 32.19 -16.57 1.68
C SER F 83 31.19 -15.47 1.35
N THR F 84 30.81 -14.64 2.30
CA THR F 84 29.81 -13.62 2.06
C THR F 84 30.43 -12.29 1.70
N ILE F 85 31.75 -12.22 1.64
CA ILE F 85 32.42 -10.96 1.36
C ILE F 85 32.24 -10.57 -0.10
N LYS F 86 31.90 -9.30 -0.32
CA LYS F 86 31.91 -8.69 -1.63
C LYS F 86 33.26 -8.04 -1.87
N GLY F 87 33.73 -8.11 -3.11
CA GLY F 87 35.06 -7.60 -3.43
C GLY F 87 35.17 -6.12 -3.21
N GLU F 88 34.10 -5.36 -3.50
CA GLU F 88 34.15 -3.92 -3.33
C GLU F 88 34.42 -3.52 -1.89
N ASP F 89 34.27 -4.42 -0.92
CA ASP F 89 34.47 -4.10 0.48
C ASP F 89 35.88 -4.39 0.98
N LEU F 90 36.74 -4.91 0.11
CA LEU F 90 38.18 -4.97 0.35
C LEU F 90 38.81 -3.69 -0.20
N LYS F 91 39.68 -3.06 0.58
CA LYS F 91 40.30 -1.81 0.16
C LYS F 91 41.78 -1.68 0.55
N ASP F 92 42.06 -1.58 1.84
CA ASP F 92 43.43 -1.42 2.29
C ASP F 92 44.02 -2.74 2.73
N GLN F 93 43.19 -3.77 2.87
CA GLN F 93 43.66 -5.07 3.36
C GLN F 93 43.58 -6.17 2.30
N LYS F 94 43.39 -5.81 1.03
CA LYS F 94 43.48 -6.75 -0.08
C LYS F 94 44.63 -7.75 0.06
N SER F 95 45.76 -7.31 0.61
CA SER F 95 46.89 -8.21 0.75
C SER F 95 46.62 -9.25 1.82
N THR F 96 46.02 -8.85 2.93
CA THR F 96 45.74 -9.83 3.97
C THR F 96 44.69 -10.82 3.51
N PHE F 97 43.73 -10.38 2.71
CA PHE F 97 42.76 -11.31 2.12
C PHE F 97 43.44 -12.36 1.28
N THR F 98 44.32 -11.93 0.37
CA THR F 98 45.08 -12.86 -0.46
C THR F 98 45.83 -13.88 0.38
N GLN F 99 46.41 -13.45 1.51
CA GLN F 99 47.07 -14.39 2.42
C GLN F 99 46.09 -15.39 3.00
N ILE F 100 44.89 -14.93 3.37
CA ILE F 100 43.85 -15.84 3.87
C ILE F 100 43.47 -16.85 2.80
N ARG F 101 43.18 -16.35 1.60
CA ARG F 101 42.76 -17.20 0.51
C ARG F 101 43.73 -18.34 0.26
N GLN F 102 45.03 -18.05 0.29
CA GLN F 102 46.03 -19.10 0.12
C GLN F 102 45.90 -20.12 1.25
N LEU F 103 45.89 -19.64 2.48
CA LEU F 103 45.78 -20.51 3.64
C LEU F 103 44.58 -21.44 3.53
N ILE F 104 43.49 -20.95 2.98
CA ILE F 104 42.27 -21.75 2.87
C ILE F 104 42.42 -22.81 1.79
N ASN F 105 43.12 -22.48 0.74
CA ASN F 105 43.29 -23.39 -0.37
C ASN F 105 44.25 -24.55 -0.07
N GLN F 106 44.61 -24.85 1.17
CA GLN F 106 45.50 -25.97 1.49
C GLN F 106 44.81 -26.88 2.51
N LEU F 107 43.77 -27.60 2.10
CA LEU F 107 43.03 -28.47 3.01
C LEU F 107 42.44 -29.63 2.21
N GLU F 108 42.19 -30.78 2.88
CA GLU F 108 41.80 -31.94 2.08
C GLU F 108 40.40 -32.51 2.40
N PRO F 109 40.06 -32.92 3.66
CA PRO F 109 38.64 -33.22 3.98
C PRO F 109 37.80 -32.03 4.43
N SER F 110 36.66 -31.82 3.76
CA SER F 110 35.76 -30.67 3.89
C SER F 110 34.34 -31.12 3.55
N ASP F 111 33.41 -30.17 3.38
CA ASP F 111 31.99 -30.47 3.52
C ASP F 111 30.70 -30.11 2.77
N ILE F 112 30.23 -28.87 2.94
CA ILE F 112 29.40 -28.19 1.94
C ILE F 112 30.14 -26.89 2.18
N ASN F 113 31.10 -26.94 3.09
CA ASN F 113 32.17 -25.98 3.17
C ASN F 113 32.88 -25.89 1.83
N ASP F 114 32.85 -27.00 1.08
CA ASP F 114 33.43 -27.05 -0.26
C ASP F 114 32.84 -25.95 -1.13
N ASP F 115 31.52 -25.76 -1.04
CA ASP F 115 30.83 -24.77 -1.86
C ASP F 115 31.25 -23.35 -1.50
N LEU F 116 31.45 -23.09 -0.21
CA LEU F 116 31.79 -21.74 0.23
C LEU F 116 33.20 -21.36 -0.16
N ARG F 117 34.15 -22.28 0.04
CA ARG F 117 35.53 -22.01 -0.37
C ARG F 117 35.58 -21.71 -1.86
N LYS F 118 34.72 -22.36 -2.64
CA LYS F 118 34.61 -21.99 -4.04
C LYS F 118 34.12 -20.56 -4.18
N ASP F 119 33.10 -20.19 -3.40
CA ASP F 119 32.56 -18.84 -3.47
C ASP F 119 33.61 -17.81 -3.07
N ILE F 120 34.51 -18.16 -2.17
CA ILE F 120 35.59 -17.26 -1.77
C ILE F 120 36.51 -16.98 -2.94
N LEU F 121 36.75 -17.97 -3.78
CA LEU F 121 37.75 -17.82 -4.82
C LEU F 121 37.23 -17.12 -6.07
N LYS F 122 35.94 -16.80 -6.14
CA LYS F 122 35.42 -16.05 -7.27
C LYS F 122 35.31 -14.57 -6.96
N ILE F 123 36.01 -14.10 -5.95
CA ILE F 123 36.03 -12.70 -5.56
C ILE F 123 37.23 -12.07 -6.23
N ASN F 124 37.09 -10.89 -6.79
CA ASN F 124 38.23 -10.29 -7.48
C ASN F 124 38.82 -9.20 -6.61
N GLN F 125 39.89 -9.54 -5.91
CA GLN F 125 40.89 -8.55 -5.57
C GLN F 125 41.49 -8.03 -6.86
N ILE F 126 41.91 -6.79 -6.88
CA ILE F 126 42.59 -6.37 -8.09
C ILE F 126 43.86 -5.59 -7.79
N ILE F 127 43.85 -4.81 -6.70
CA ILE F 127 45.07 -4.19 -6.16
C ILE F 127 45.97 -3.61 -7.28
#